data_5U1D
#
_entry.id   5U1D
#
_cell.length_a   1
_cell.length_b   1
_cell.length_c   1
_cell.angle_alpha   90.00
_cell.angle_beta   90.00
_cell.angle_gamma   90.00
#
_symmetry.space_group_name_H-M   'P 1'
#
loop_
_entity.id
_entity.type
_entity.pdbx_description
1 polymer 'Antigen peptide transporter 1'
2 polymer 'Antigen peptide transporter 2'
3 polymer 'TAP transporter inhibitor ICP47'
#
loop_
_entity_poly.entity_id
_entity_poly.type
_entity_poly.pdbx_seq_one_letter_code
_entity_poly.pdbx_strand_id
1 'polypeptide(L)'
;MASSRCPAPRGCRCLPGASLAWLGTVLLLLADWVLLRTALPRIFSLLVPTALPLLRVWAVGLSRWAVLWLGACGVLRATV
GSKSENAGAQGWLAALKPLAAALGLALPGLALFRELISWGAPGSADSTRLLHWGSHPTAFVVSYAAALPAAALWHKLGSL
WVPGGQGGSGNPVRRLLGCLGSETRRLSLFLVLVVLSSLGEMAIPFFTGRLTDWILQDGSADTFTRNLTLMSILTIASAV
LEFVGDGIYNNTMGHVHSHLQGEVFGAVLRQETEFFQQNQTGNIMSRVTEDTSTLSDSLSENLSLFLWYLVRGLCLLGIM
LWGSVSLTMVTLITLPLLFLLPKKVGKWYQLLEVQVRESLAKSSQVAIEALSAMPTVRSFANEEGEAQKFREKLQEIKTL
NQKEAVAYAVNSWTTSISGMLLKVGILYIGGQLVTSGAVSSGNLVTFVLYQMQFTQAVEVLLSIYPRVQKAVGSSEKIFE
YLDRTPRCPPSGLLTPLHLEGLVQFQDVSFAYPNRPDVLVLQGLTFTLRPGEVTALVGPNGSGKSTVAALLQNLYQPTGG
QLLLDGKPLPQYEHRYLHRQVAAVGQEPQVFGRSLQENIAYGLTQKPTMEEITAAAVKSGAHSFISGLPQGYDTEVDEAG
SQLSGGQRQAVALARALIRKPCVLILDDATSALDANSQLQVEQLLYESPERYSRSVLLITQHLSLVEQADHILFLEGGAI
REGGTHQQLMEKKGCYWAMVQAPADAPE
;
A
2 'polypeptide(L)'
;MRLPDLRPWTSLLLVDAALLWLLQGPLGTLLPQGLPGLWLEGTLRLGGLWGLLKLRGLLGFVGTLLLPLCLATPLTVSLR
ALVAGASRAPPARVASAPWSWLLVGYGAAGLSWSLWAVLSPPGAQEKEQDQVNNKVLMWRLLKLSRPDLPLLVAAFFFLV
LAVLGETLIPHYSGRVIDILGGDFDPHAFASAIFFMCLFSFGSSLSAGCRGGCFTYTMSRINLRIREQLFSSLLRQDLGF
FQETKTGELNSRLSSDTTLMSNWLPLNANVLLRSLVKVVGLYGFMLSISPRLTLLSLLHMPFTIAAEKVYNTRHQEVLRE
IQDAVARAGQVVREAVGGLQTVRSFGAEEHEVCRYKEALEQCRQLYWRRDLERALYLLVRRVLHLGVQMLMLSCGLQQMQ
DGELTQGSLLSFMIYQESVGSYVQTLVYIYGDMLSNVGAAEKVFSYMDRQPNLPSPGTLAPTTLQGVVKFQDVSFAYPNR
PDRPVLKGLTFTLRPGEVTALVGPNGSGKSTVAALLQNLYQPTGGQVLLDEKPISQYEHCYLHSQVVSVGQEPVLFSGSV
RNNIAYGLQSCEDDKVMAAAQAAHADDFIQEMEHGIYTDVGEKGSQLAAGQKQRLAIARALVRDPRVLILDEATSALDVQ
CEQALQDWNSRGDRTVLVIAHRLQTVQRAHQILVLQEGKLQKLAQL
;
B
3 'polypeptide(L)'
;MSWALEMADTFLDNMRVGPRTYADVRDEINKRGREDREAARTAVHDPERPLLRSPGLLPEIAPNASLGVVHRRTGGTVTD
SPRNPVTR
;
X
#
# COMPACT_ATOMS: atom_id res chain seq x y z
N VAL A 173 13.19 13.40 -21.37
CA VAL A 173 14.39 13.76 -20.56
C VAL A 173 14.58 15.28 -20.43
N ARG A 174 14.68 15.95 -21.58
CA ARG A 174 14.89 17.41 -21.64
C ARG A 174 13.81 18.21 -20.89
N ARG A 175 12.55 17.77 -21.04
CA ARG A 175 11.43 18.35 -20.28
C ARG A 175 11.56 18.08 -18.78
N LEU A 176 12.03 16.87 -18.42
CA LEU A 176 12.28 16.50 -17.03
C LEU A 176 13.29 17.45 -16.40
N LEU A 177 14.47 17.58 -17.01
CA LEU A 177 15.51 18.49 -16.51
C LEU A 177 15.05 19.96 -16.53
N GLY A 178 14.52 20.40 -17.67
CA GLY A 178 14.06 21.78 -17.86
C GLY A 178 13.00 22.26 -16.87
N CYS A 179 12.06 21.39 -16.53
CA CYS A 179 11.03 21.71 -15.53
C CYS A 179 11.57 21.76 -14.09
N LEU A 180 12.51 20.87 -13.77
CA LEU A 180 12.96 20.67 -12.39
C LEU A 180 13.91 21.75 -11.84
N GLY A 181 14.79 22.28 -12.70
CA GLY A 181 15.81 23.23 -12.25
C GLY A 181 15.21 24.53 -11.70
N SER A 182 15.78 25.02 -10.60
CA SER A 182 15.12 26.00 -9.73
C SER A 182 15.34 27.45 -10.15
N GLU A 183 16.61 27.83 -10.34
CA GLU A 183 17.00 29.26 -10.32
C GLU A 183 18.03 29.76 -11.36
N THR A 184 18.79 28.86 -11.97
CA THR A 184 20.07 29.17 -12.66
C THR A 184 21.25 29.49 -11.72
N ARG A 185 20.99 29.59 -10.41
CA ARG A 185 21.91 30.28 -9.49
C ARG A 185 22.02 29.67 -8.09
N ARG A 186 20.89 29.36 -7.46
CA ARG A 186 20.87 28.69 -6.15
C ARG A 186 21.56 27.32 -6.19
N LEU A 187 21.22 26.52 -7.22
CA LEU A 187 21.89 25.24 -7.46
C LEU A 187 23.35 25.41 -7.89
N SER A 188 23.64 26.46 -8.65
CA SER A 188 25.01 26.82 -9.02
C SER A 188 25.84 27.23 -7.79
N LEU A 189 25.22 27.99 -6.89
CA LEU A 189 25.82 28.38 -5.61
C LEU A 189 26.06 27.15 -4.72
N PHE A 190 25.09 26.23 -4.72
CA PHE A 190 25.24 24.94 -4.02
C PHE A 190 26.39 24.11 -4.60
N LEU A 191 26.46 24.01 -5.93
CA LEU A 191 27.50 23.21 -6.61
C LEU A 191 28.90 23.72 -6.30
N VAL A 192 29.09 25.04 -6.32
CA VAL A 192 30.36 25.66 -5.96
C VAL A 192 30.67 25.46 -4.46
N LEU A 193 29.64 25.53 -3.62
CA LEU A 193 29.79 25.30 -2.18
C LEU A 193 30.16 23.84 -1.83
N VAL A 194 29.64 22.88 -2.60
CA VAL A 194 29.99 21.46 -2.42
C VAL A 194 31.45 21.16 -2.77
N VAL A 195 31.96 21.74 -3.87
CA VAL A 195 33.33 21.49 -4.33
C VAL A 195 34.36 22.00 -3.31
N LEU A 196 34.19 23.26 -2.89
CA LEU A 196 35.08 23.88 -1.89
C LEU A 196 35.09 23.13 -0.54
N SER A 197 33.94 22.55 -0.17
CA SER A 197 33.84 21.69 1.01
C SER A 197 34.47 20.31 0.79
N SER A 198 34.23 19.73 -0.39
CA SER A 198 34.72 18.38 -0.75
C SER A 198 36.23 18.19 -0.60
N LEU A 199 37.01 19.23 -0.89
CA LEU A 199 38.46 19.21 -0.63
C LEU A 199 38.77 19.08 0.87
N GLY A 200 38.01 19.81 1.68
CA GLY A 200 38.10 19.70 3.14
C GLY A 200 37.68 18.35 3.71
N GLU A 201 36.72 17.69 3.06
CA GLU A 201 36.30 16.33 3.42
C GLU A 201 37.42 15.31 3.22
N MET A 202 38.08 15.37 2.06
CA MET A 202 39.18 14.45 1.71
C MET A 202 40.58 14.97 2.07
N ALA A 203 40.67 15.97 2.95
CA ALA A 203 41.95 16.47 3.42
C ALA A 203 42.65 15.55 4.45
N ILE A 204 41.88 14.67 5.11
CA ILE A 204 42.38 13.90 6.25
C ILE A 204 43.54 12.91 5.97
N PRO A 205 43.53 12.20 4.82
CA PRO A 205 44.60 11.22 4.58
C PRO A 205 46.00 11.84 4.44
N PHE A 206 46.08 13.00 3.79
CA PHE A 206 47.33 13.77 3.70
C PHE A 206 47.90 14.10 5.07
N PHE A 207 47.01 14.47 6.01
CA PHE A 207 47.42 14.77 7.39
C PHE A 207 47.75 13.49 8.16
N THR A 208 47.04 12.40 7.88
CA THR A 208 47.35 11.08 8.43
C THR A 208 48.73 10.59 7.98
N GLY A 209 49.01 10.75 6.68
CA GLY A 209 50.32 10.42 6.11
C GLY A 209 51.44 11.23 6.74
N ARG A 210 51.22 12.54 6.87
CA ARG A 210 52.14 13.43 7.55
C ARG A 210 52.34 13.03 9.02
N LEU A 211 51.24 12.65 9.69
CA LEU A 211 51.29 12.18 11.08
C LEU A 211 52.07 10.87 11.25
N THR A 212 51.94 9.96 10.28
CA THR A 212 52.66 8.68 10.32
C THR A 212 54.16 8.86 10.05
N ASP A 213 54.50 9.55 8.95
CA ASP A 213 55.91 9.77 8.59
C ASP A 213 56.67 10.64 9.62
N TRP A 214 55.94 11.49 10.35
CA TRP A 214 56.48 12.23 11.49
C TRP A 214 57.01 11.28 12.57
N ILE A 215 56.23 10.25 12.89
CA ILE A 215 56.59 9.28 13.94
C ILE A 215 57.84 8.48 13.56
N LEU A 216 57.97 8.14 12.28
CA LEU A 216 59.11 7.38 11.78
C LEU A 216 60.41 8.19 11.77
N GLN A 217 60.33 9.45 11.33
CA GLN A 217 61.52 10.31 11.16
C GLN A 217 61.58 11.49 12.13
N ASP A 218 60.59 12.39 12.04
CA ASP A 218 60.69 13.72 12.65
C ASP A 218 60.46 13.73 14.17
N GLY A 219 60.72 14.88 14.78
CA GLY A 219 60.41 15.11 16.21
C GLY A 219 60.23 16.58 16.55
N SER A 220 59.57 17.33 15.66
CA SER A 220 59.28 18.75 15.85
C SER A 220 57.82 18.95 16.26
N ALA A 221 57.59 19.91 17.16
CA ALA A 221 56.26 20.20 17.69
C ALA A 221 55.46 21.12 16.77
N ASP A 222 56.08 22.25 16.39
CA ASP A 222 55.40 23.30 15.61
C ASP A 222 54.79 22.80 14.30
N THR A 223 55.59 22.05 13.53
CA THR A 223 55.13 21.44 12.28
C THR A 223 53.98 20.45 12.51
N PHE A 224 54.06 19.69 13.60
CA PHE A 224 53.03 18.71 13.96
C PHE A 224 51.72 19.38 14.37
N THR A 225 51.83 20.39 15.24
CA THR A 225 50.66 21.15 15.71
C THR A 225 50.01 21.95 14.58
N ARG A 226 50.83 22.65 13.79
CA ARG A 226 50.35 23.39 12.61
C ARG A 226 49.51 22.50 11.67
N ASN A 227 49.94 21.23 11.52
CA ASN A 227 49.20 20.24 10.76
C ASN A 227 47.84 19.92 11.40
N LEU A 228 47.85 19.72 12.73
CA LEU A 228 46.63 19.43 13.49
C LEU A 228 45.63 20.59 13.52
N THR A 229 46.14 21.83 13.58
CA THR A 229 45.29 23.03 13.55
C THR A 229 44.61 23.20 12.19
N LEU A 230 45.38 23.05 11.11
CA LEU A 230 44.82 23.09 9.76
C LEU A 230 43.85 21.93 9.52
N MET A 231 44.23 20.73 9.98
CA MET A 231 43.34 19.55 9.99
C MET A 231 42.01 19.88 10.65
N SER A 232 42.07 20.38 11.89
CA SER A 232 40.87 20.71 12.67
C SER A 232 40.04 21.82 12.01
N ILE A 233 40.70 22.87 11.55
CA ILE A 233 40.00 23.99 10.89
C ILE A 233 39.31 23.54 9.59
N LEU A 234 40.01 22.77 8.76
CA LEU A 234 39.43 22.25 7.51
C LEU A 234 38.26 21.30 7.75
N THR A 235 38.44 20.36 8.70
CA THR A 235 37.38 19.39 9.03
C THR A 235 36.16 20.03 9.70
N ILE A 236 36.39 21.01 10.58
CA ILE A 236 35.29 21.76 11.21
C ILE A 236 34.59 22.66 10.19
N ALA A 237 35.38 23.35 9.35
CA ALA A 237 34.82 24.23 8.31
C ALA A 237 34.00 23.45 7.29
N SER A 238 34.56 22.33 6.82
CA SER A 238 33.85 21.45 5.88
C SER A 238 32.47 21.05 6.41
N ALA A 239 32.39 20.72 7.70
CA ALA A 239 31.11 20.41 8.35
C ALA A 239 30.11 21.57 8.26
N VAL A 240 30.59 22.80 8.46
CA VAL A 240 29.75 24.00 8.34
C VAL A 240 29.32 24.22 6.90
N LEU A 241 30.25 24.05 5.96
CA LEU A 241 29.95 24.18 4.53
C LEU A 241 28.93 23.13 4.06
N GLU A 242 29.06 21.91 4.59
CA GLU A 242 28.06 20.85 4.37
C GLU A 242 26.72 21.21 5.01
N PHE A 243 26.78 21.70 6.25
CA PHE A 243 25.58 22.11 7.00
C PHE A 243 24.79 23.22 6.30
N VAL A 244 25.51 24.19 5.72
CA VAL A 244 24.88 25.25 4.92
C VAL A 244 24.39 24.68 3.59
N GLY A 245 25.29 24.06 2.84
CA GLY A 245 24.99 23.49 1.51
C GLY A 245 23.81 22.54 1.49
N ASP A 246 23.76 21.64 2.46
CA ASP A 246 22.61 20.73 2.61
C ASP A 246 21.32 21.51 2.91
N GLY A 247 21.44 22.57 3.72
CA GLY A 247 20.32 23.48 4.00
C GLY A 247 19.79 24.20 2.78
N ILE A 248 20.70 24.74 1.97
CA ILE A 248 20.34 25.44 0.73
C ILE A 248 19.75 24.44 -0.29
N TYR A 249 20.34 23.25 -0.36
CA TYR A 249 19.84 22.18 -1.22
C TYR A 249 18.42 21.73 -0.84
N ASN A 250 18.21 21.45 0.44
CA ASN A 250 16.90 21.04 0.95
C ASN A 250 15.85 22.16 0.89
N ASN A 251 16.29 23.41 1.08
CA ASN A 251 15.42 24.59 0.90
C ASN A 251 14.97 24.73 -0.55
N THR A 252 15.92 24.65 -1.48
CA THR A 252 15.63 24.72 -2.92
C THR A 252 14.80 23.53 -3.40
N MET A 253 15.16 22.33 -2.93
CA MET A 253 14.40 21.10 -3.24
C MET A 253 12.98 21.14 -2.66
N GLY A 254 12.82 21.80 -1.51
CA GLY A 254 11.50 22.04 -0.93
C GLY A 254 10.61 22.91 -1.80
N HIS A 255 11.20 24.00 -2.32
CA HIS A 255 10.50 24.86 -3.29
C HIS A 255 10.08 24.11 -4.55
N VAL A 256 10.99 23.29 -5.08
CA VAL A 256 10.71 22.46 -6.26
C VAL A 256 9.63 21.40 -5.95
N HIS A 257 9.74 20.77 -4.78
CA HIS A 257 8.73 19.79 -4.32
C HIS A 257 7.34 20.41 -4.22
N SER A 258 7.27 21.60 -3.60
CA SER A 258 6.01 22.33 -3.47
C SER A 258 5.48 22.84 -4.82
N HIS A 259 6.37 23.33 -5.67
CA HIS A 259 6.00 23.84 -7.01
C HIS A 259 5.50 22.73 -7.94
N LEU A 260 6.21 21.61 -7.95
CA LEU A 260 5.80 20.44 -8.77
C LEU A 260 4.48 19.85 -8.28
N GLN A 261 4.35 19.65 -6.97
CA GLN A 261 3.12 19.15 -6.37
C GLN A 261 1.95 20.12 -6.59
N GLY A 262 2.24 21.42 -6.53
CA GLY A 262 1.27 22.46 -6.84
C GLY A 262 0.84 22.48 -8.31
N GLU A 263 1.81 22.28 -9.21
CA GLU A 263 1.54 22.25 -10.65
C GLU A 263 0.79 20.99 -11.10
N VAL A 264 1.21 19.83 -10.58
CA VAL A 264 0.59 18.54 -10.91
C VAL A 264 -0.87 18.47 -10.43
N PHE A 265 -1.17 19.06 -9.28
CA PHE A 265 -2.54 19.10 -8.74
C PHE A 265 -3.50 19.90 -9.63
N GLY A 266 -3.04 21.06 -10.11
CA GLY A 266 -3.81 21.89 -11.03
C GLY A 266 -4.08 21.24 -12.39
N ALA A 267 -3.12 20.46 -12.87
CA ALA A 267 -3.24 19.72 -14.14
C ALA A 267 -4.39 18.69 -14.15
N VAL A 268 -4.76 18.19 -12.97
CA VAL A 268 -5.93 17.30 -12.83
C VAL A 268 -7.20 18.11 -13.06
N LEU A 269 -7.31 19.24 -12.35
CA LEU A 269 -8.49 20.11 -12.43
C LEU A 269 -8.61 20.84 -13.78
N ARG A 270 -7.49 21.01 -14.49
CA ARG A 270 -7.51 21.60 -15.84
C ARG A 270 -8.17 20.67 -16.87
N GLN A 271 -7.99 19.36 -16.72
CA GLN A 271 -8.51 18.38 -17.69
C GLN A 271 -10.04 18.28 -17.62
N GLU A 272 -10.64 17.87 -18.73
CA GLU A 272 -12.12 17.76 -18.85
C GLU A 272 -12.74 16.70 -17.95
N THR A 273 -14.07 16.77 -17.82
CA THR A 273 -14.83 15.88 -16.92
C THR A 273 -14.90 14.42 -17.39
N GLU A 274 -14.77 14.20 -18.71
CA GLU A 274 -14.87 12.85 -19.29
C GLU A 274 -13.92 11.82 -18.66
N PHE A 275 -12.70 12.26 -18.36
CA PHE A 275 -11.72 11.41 -17.65
C PHE A 275 -12.16 11.10 -16.22
N PHE A 276 -12.71 12.10 -15.54
CA PHE A 276 -13.25 11.93 -14.19
C PHE A 276 -14.50 11.03 -14.15
N GLN A 277 -15.36 11.17 -15.14
CA GLN A 277 -16.58 10.37 -15.26
C GLN A 277 -16.29 8.92 -15.67
N GLN A 278 -15.44 8.74 -16.68
CA GLN A 278 -15.09 7.42 -17.20
C GLN A 278 -14.19 6.64 -16.24
N ASN A 279 -13.03 7.21 -15.91
CA ASN A 279 -12.05 6.56 -15.02
C ASN A 279 -12.48 6.65 -13.56
N GLN A 280 -12.03 5.69 -12.76
CA GLN A 280 -12.35 5.61 -11.33
C GLN A 280 -11.54 6.59 -10.50
N THR A 281 -11.85 6.67 -9.20
CA THR A 281 -11.14 7.54 -8.26
C THR A 281 -9.71 7.05 -7.96
N GLY A 282 -9.57 5.74 -7.74
CA GLY A 282 -8.29 5.11 -7.40
C GLY A 282 -7.09 5.48 -8.26
N ASN A 283 -7.33 5.66 -9.56
CA ASN A 283 -6.31 6.15 -10.48
C ASN A 283 -5.92 7.59 -10.16
N ILE A 284 -6.92 8.48 -10.14
CA ILE A 284 -6.68 9.90 -9.90
C ILE A 284 -6.30 10.28 -8.46
N MET A 285 -6.43 9.33 -7.53
CA MET A 285 -5.87 9.47 -6.18
C MET A 285 -4.40 9.04 -6.16
N SER A 286 -4.15 7.82 -6.64
CA SER A 286 -2.81 7.22 -6.60
C SER A 286 -1.79 7.90 -7.52
N ARG A 287 -2.22 8.31 -8.71
CA ARG A 287 -1.34 8.99 -9.67
C ARG A 287 -0.88 10.39 -9.21
N VAL A 288 -1.72 11.09 -8.44
CA VAL A 288 -1.43 12.46 -8.03
C VAL A 288 -0.45 12.51 -6.85
N THR A 289 -0.91 12.10 -5.67
CA THR A 289 -0.16 12.30 -4.43
C THR A 289 1.01 11.32 -4.28
N GLU A 290 0.71 10.03 -4.35
CA GLU A 290 1.70 8.97 -4.11
C GLU A 290 2.86 9.00 -5.12
N ASP A 291 2.54 9.09 -6.40
CA ASP A 291 3.54 9.06 -7.47
C ASP A 291 4.44 10.29 -7.44
N THR A 292 3.83 11.48 -7.34
CA THR A 292 4.57 12.75 -7.30
C THR A 292 5.41 12.87 -6.02
N SER A 293 4.90 12.36 -4.89
CA SER A 293 5.65 12.33 -3.64
C SER A 293 6.83 11.37 -3.70
N THR A 294 6.55 10.12 -4.07
CA THR A 294 7.59 9.07 -4.14
C THR A 294 8.64 9.31 -5.24
N LEU A 295 8.26 9.99 -6.32
CA LEU A 295 9.22 10.38 -7.36
C LEU A 295 10.17 11.43 -6.84
N SER A 296 9.63 12.56 -6.38
CA SER A 296 10.42 13.69 -5.89
C SER A 296 11.23 13.35 -4.63
N ASP A 297 10.69 12.46 -3.79
CA ASP A 297 11.43 11.92 -2.64
C ASP A 297 12.65 11.10 -3.10
N SER A 298 12.45 10.27 -4.13
CA SER A 298 13.54 9.46 -4.69
C SER A 298 14.58 10.33 -5.40
N LEU A 299 14.09 11.29 -6.19
CA LEU A 299 14.95 12.24 -6.90
C LEU A 299 15.78 13.09 -5.94
N SER A 300 15.14 13.60 -4.88
CA SER A 300 15.82 14.41 -3.86
C SER A 300 16.91 13.63 -3.13
N GLU A 301 16.61 12.38 -2.77
CA GLU A 301 17.59 11.52 -2.09
C GLU A 301 18.72 11.07 -3.03
N ASN A 302 18.37 10.68 -4.25
CA ASN A 302 19.36 10.19 -5.22
C ASN A 302 20.26 11.29 -5.76
N LEU A 303 19.65 12.36 -6.29
CA LEU A 303 20.41 13.46 -6.91
C LEU A 303 21.35 14.19 -5.94
N SER A 304 20.98 14.24 -4.66
CA SER A 304 21.86 14.78 -3.62
C SER A 304 23.15 13.96 -3.54
N LEU A 305 23.00 12.66 -3.33
CA LEU A 305 24.14 11.74 -3.19
C LEU A 305 24.91 11.55 -4.51
N PHE A 306 24.22 11.63 -5.64
CA PHE A 306 24.82 11.50 -6.97
C PHE A 306 25.81 12.63 -7.26
N LEU A 307 25.35 13.87 -7.08
CA LEU A 307 26.21 15.05 -7.27
C LEU A 307 27.29 15.21 -6.18
N TRP A 308 27.06 14.60 -5.01
CA TRP A 308 28.04 14.66 -3.91
C TRP A 308 29.25 13.77 -4.21
N TYR A 309 29.00 12.49 -4.43
CA TYR A 309 30.07 11.50 -4.63
C TYR A 309 30.80 11.64 -5.97
N LEU A 310 30.15 12.23 -6.98
CA LEU A 310 30.84 12.56 -8.25
C LEU A 310 31.91 13.63 -8.05
N VAL A 311 31.60 14.65 -7.26
CA VAL A 311 32.56 15.71 -6.94
C VAL A 311 33.72 15.15 -6.10
N ARG A 312 33.39 14.31 -5.11
CA ARG A 312 34.39 13.58 -4.34
C ARG A 312 35.29 12.72 -5.23
N GLY A 313 34.66 11.98 -6.14
CA GLY A 313 35.38 11.13 -7.10
C GLY A 313 36.32 11.91 -8.00
N LEU A 314 35.80 12.97 -8.62
CA LEU A 314 36.59 13.84 -9.51
C LEU A 314 37.74 14.53 -8.77
N CYS A 315 37.45 15.06 -7.58
CA CYS A 315 38.47 15.75 -6.77
C CYS A 315 39.54 14.82 -6.21
N LEU A 316 39.13 13.62 -5.76
CA LEU A 316 40.10 12.63 -5.24
C LEU A 316 40.93 12.02 -6.37
N LEU A 317 40.30 11.70 -7.50
CA LEU A 317 41.03 11.28 -8.71
C LEU A 317 41.94 12.40 -9.24
N GLY A 318 41.52 13.64 -9.03
CA GLY A 318 42.37 14.81 -9.30
C GLY A 318 43.63 14.84 -8.46
N ILE A 319 43.48 14.88 -7.13
CA ILE A 319 44.63 14.93 -6.21
C ILE A 319 45.48 13.64 -6.26
N MET A 320 44.87 12.52 -6.67
CA MET A 320 45.61 11.28 -6.96
C MET A 320 46.70 11.43 -8.04
N LEU A 321 46.56 12.41 -8.94
CA LEU A 321 47.61 12.73 -9.92
C LEU A 321 48.87 13.29 -9.23
N TRP A 322 48.66 14.19 -8.26
CA TRP A 322 49.76 14.77 -7.47
C TRP A 322 50.33 13.75 -6.50
N VAL A 325 50.73 9.48 -11.50
CA VAL A 325 50.40 8.91 -12.81
C VAL A 325 50.34 7.39 -12.73
N SER A 326 51.42 6.77 -12.25
CA SER A 326 51.49 5.31 -12.07
C SER A 326 50.47 4.83 -11.03
N LEU A 327 50.31 5.59 -9.95
CA LEU A 327 49.34 5.29 -8.90
C LEU A 327 47.90 5.31 -9.43
N THR A 328 47.58 6.30 -10.27
CA THR A 328 46.28 6.37 -10.94
C THR A 328 46.09 5.24 -11.95
N MET A 329 47.16 4.90 -12.68
CA MET A 329 47.16 3.76 -13.62
C MET A 329 46.95 2.41 -12.91
N VAL A 330 47.44 2.27 -11.68
CA VAL A 330 47.19 1.09 -10.86
C VAL A 330 45.71 1.01 -10.47
N THR A 331 45.22 2.05 -9.80
CA THR A 331 43.84 2.07 -9.27
C THR A 331 42.77 1.90 -10.34
N LEU A 332 43.01 2.43 -11.55
CA LEU A 332 42.08 2.27 -12.67
C LEU A 332 41.91 0.81 -13.10
N ILE A 333 43.02 0.05 -13.06
CA ILE A 333 43.01 -1.37 -13.46
C ILE A 333 42.35 -2.26 -12.39
N THR A 334 42.51 -1.88 -11.11
CA THR A 334 42.02 -2.71 -9.99
C THR A 334 40.48 -2.76 -9.88
N LEU A 335 39.83 -1.60 -9.96
CA LEU A 335 38.36 -1.49 -9.74
C LEU A 335 37.51 -2.52 -10.50
N PRO A 336 37.71 -2.67 -11.84
CA PRO A 336 37.00 -3.71 -12.60
C PRO A 336 37.05 -5.11 -11.97
N LEU A 337 38.23 -5.52 -11.51
CA LEU A 337 38.42 -6.82 -10.85
C LEU A 337 37.69 -6.91 -9.50
N LEU A 338 37.52 -5.77 -8.82
CA LEU A 338 36.74 -5.70 -7.58
C LEU A 338 35.26 -6.03 -7.83
N PHE A 339 34.68 -5.41 -8.85
CA PHE A 339 33.25 -5.59 -9.19
C PHE A 339 32.98 -6.63 -10.29
N LEU A 340 34.00 -7.39 -10.70
CA LEU A 340 33.82 -8.48 -11.69
C LEU A 340 33.19 -9.71 -11.04
N LEU A 341 33.87 -10.25 -10.02
CA LEU A 341 33.48 -11.53 -9.39
C LEU A 341 32.15 -11.50 -8.62
N PRO A 342 31.86 -10.42 -7.86
CA PRO A 342 30.58 -10.31 -7.13
C PRO A 342 29.33 -10.41 -8.01
N LYS A 343 29.32 -9.70 -9.13
CA LYS A 343 28.20 -9.72 -10.08
C LYS A 343 28.15 -11.01 -10.91
N LYS A 344 29.32 -11.51 -11.30
CA LYS A 344 29.42 -12.75 -12.08
C LYS A 344 28.92 -13.98 -11.31
N VAL A 345 29.36 -14.11 -10.07
CA VAL A 345 28.88 -15.17 -9.17
C VAL A 345 27.45 -14.85 -8.69
N GLY A 346 27.19 -13.58 -8.40
CA GLY A 346 25.86 -13.09 -8.00
C GLY A 346 24.74 -13.27 -9.02
N LYS A 347 25.09 -13.41 -10.31
CA LYS A 347 24.13 -13.78 -11.35
C LYS A 347 23.57 -15.19 -11.10
N TRP A 348 24.47 -16.15 -10.92
CA TRP A 348 24.11 -17.55 -10.62
C TRP A 348 23.32 -17.67 -9.31
N TYR A 349 23.62 -16.80 -8.35
CA TYR A 349 22.82 -16.67 -7.12
C TYR A 349 21.41 -16.15 -7.41
N GLN A 350 21.31 -15.11 -8.25
CA GLN A 350 20.01 -14.51 -8.59
C GLN A 350 19.07 -15.44 -9.37
N LEU A 351 19.63 -16.31 -10.22
CA LEU A 351 18.84 -17.31 -10.97
C LEU A 351 17.96 -18.18 -10.06
N LEU A 352 18.48 -18.53 -8.89
CA LEU A 352 17.73 -19.32 -7.90
C LEU A 352 16.63 -18.53 -7.19
N GLU A 353 16.82 -17.21 -7.04
CA GLU A 353 15.86 -16.35 -6.31
C GLU A 353 14.51 -16.21 -7.01
N VAL A 354 14.53 -16.08 -8.34
CA VAL A 354 13.30 -15.98 -9.14
C VAL A 354 12.43 -17.23 -9.00
N GLN A 355 13.08 -18.39 -8.84
CA GLN A 355 12.38 -19.65 -8.55
C GLN A 355 11.70 -19.64 -7.19
N VAL A 356 12.37 -19.05 -6.19
CA VAL A 356 11.79 -18.91 -4.83
C VAL A 356 10.63 -17.90 -4.85
N ARG A 357 10.81 -16.80 -5.57
CA ARG A 357 9.75 -15.80 -5.76
C ARG A 357 8.53 -16.39 -6.48
N GLU A 358 8.79 -17.15 -7.54
CA GLU A 358 7.73 -17.83 -8.31
C GLU A 358 7.02 -18.90 -7.47
N SER A 359 7.79 -19.69 -6.72
CA SER A 359 7.23 -20.72 -5.85
C SER A 359 6.48 -20.14 -4.64
N LEU A 360 6.90 -18.96 -4.18
CA LEU A 360 6.19 -18.22 -3.14
C LEU A 360 4.87 -17.68 -3.70
N ALA A 361 4.97 -16.96 -4.81
CA ALA A 361 3.80 -16.43 -5.54
C ALA A 361 2.80 -17.52 -5.92
N LYS A 362 3.30 -18.72 -6.22
CA LYS A 362 2.47 -19.90 -6.47
C LYS A 362 1.67 -20.32 -5.23
N SER A 363 2.33 -20.34 -4.07
CA SER A 363 1.65 -20.68 -2.80
C SER A 363 0.59 -19.64 -2.43
N SER A 364 0.92 -18.36 -2.64
CA SER A 364 -0.03 -17.26 -2.44
C SER A 364 -1.19 -17.30 -3.44
N GLN A 365 -0.89 -17.69 -4.69
CA GLN A 365 -1.92 -17.86 -5.73
C GLN A 365 -2.92 -18.95 -5.34
N VAL A 366 -2.41 -20.10 -4.87
CA VAL A 366 -3.26 -21.19 -4.39
C VAL A 366 -4.00 -20.79 -3.09
N ALA A 367 -3.33 -20.01 -2.23
CA ALA A 367 -3.95 -19.48 -1.00
C ALA A 367 -5.18 -18.61 -1.30
N ILE A 368 -5.01 -17.68 -2.24
CA ILE A 368 -6.12 -16.80 -2.66
C ILE A 368 -7.18 -17.59 -3.44
N GLU A 369 -6.75 -18.46 -4.35
CA GLU A 369 -7.67 -19.29 -5.15
C GLU A 369 -8.53 -20.23 -4.32
N ALA A 370 -7.95 -20.81 -3.26
CA ALA A 370 -8.67 -21.70 -2.35
C ALA A 370 -9.68 -20.95 -1.48
N LEU A 371 -9.25 -19.84 -0.89
CA LEU A 371 -10.09 -19.05 0.02
C LEU A 371 -11.20 -18.25 -0.70
N SER A 372 -10.88 -17.69 -1.86
CA SER A 372 -11.82 -16.84 -2.64
C SER A 372 -13.22 -17.44 -2.75
N ALA A 373 -13.28 -18.72 -3.08
CA ALA A 373 -14.53 -19.49 -3.06
C ALA A 373 -14.65 -20.22 -1.72
N MET A 374 -14.90 -19.44 -0.66
CA MET A 374 -15.04 -19.97 0.71
C MET A 374 -16.24 -20.91 0.93
N PRO A 375 -17.48 -20.47 0.57
CA PRO A 375 -18.65 -21.33 0.87
C PRO A 375 -18.65 -22.71 0.23
N THR A 376 -17.98 -22.86 -0.91
CA THR A 376 -17.77 -24.16 -1.55
C THR A 376 -16.84 -25.06 -0.74
N VAL A 377 -15.85 -24.45 -0.06
CA VAL A 377 -14.98 -25.19 0.87
C VAL A 377 -15.77 -25.53 2.14
N ARG A 378 -16.45 -24.52 2.69
CA ARG A 378 -17.25 -24.67 3.92
C ARG A 378 -18.39 -25.69 3.80
N SER A 379 -19.00 -25.79 2.61
CA SER A 379 -20.09 -26.74 2.36
C SER A 379 -19.67 -28.19 2.61
N PHE A 380 -18.47 -28.54 2.15
CA PHE A 380 -17.86 -29.85 2.40
C PHE A 380 -16.90 -29.76 3.59
N ALA A 381 -16.16 -30.84 3.85
CA ALA A 381 -15.12 -30.86 4.88
C ALA A 381 -13.72 -30.95 4.23
N ASN A 382 -13.46 -30.02 3.30
CA ASN A 382 -12.20 -29.99 2.54
C ASN A 382 -11.11 -29.14 3.22
N GLU A 383 -11.53 -28.19 4.07
CA GLU A 383 -10.59 -27.28 4.77
C GLU A 383 -9.44 -27.96 5.52
N GLU A 384 -9.70 -29.15 6.07
CA GLU A 384 -8.66 -29.96 6.71
C GLU A 384 -7.67 -30.51 5.68
N GLY A 385 -8.19 -30.96 4.53
CA GLY A 385 -7.36 -31.50 3.45
C GLY A 385 -6.48 -30.46 2.75
N GLU A 386 -7.01 -29.26 2.56
CA GLU A 386 -6.28 -28.18 1.87
C GLU A 386 -5.03 -27.73 2.64
N ALA A 387 -5.10 -27.75 3.97
CA ALA A 387 -3.94 -27.44 4.82
C ALA A 387 -2.76 -28.40 4.60
N GLN A 388 -3.07 -29.67 4.29
CA GLN A 388 -2.03 -30.65 3.94
C GLN A 388 -1.38 -30.32 2.59
N LYS A 389 -2.21 -29.90 1.63
CA LYS A 389 -1.74 -29.46 0.31
C LYS A 389 -0.90 -28.18 0.43
N PHE A 390 -1.32 -27.29 1.32
CA PHE A 390 -0.57 -26.08 1.67
C PHE A 390 0.78 -26.44 2.31
N ARG A 391 0.74 -27.37 3.26
CA ARG A 391 1.95 -27.89 3.93
C ARG A 391 2.93 -28.53 2.95
N GLU A 392 2.43 -29.23 1.95
CA GLU A 392 3.27 -29.84 0.90
C GLU A 392 3.90 -28.77 0.00
N LYS A 393 3.10 -27.80 -0.44
CA LYS A 393 3.61 -26.68 -1.23
C LYS A 393 4.62 -25.80 -0.47
N LEU A 394 4.45 -25.72 0.85
CA LEU A 394 5.43 -25.06 1.73
C LEU A 394 6.70 -25.90 1.92
N GLN A 395 6.57 -27.22 2.08
CA GLN A 395 7.75 -28.09 2.25
C GLN A 395 8.58 -28.22 0.95
N GLU A 396 7.92 -28.10 -0.20
CA GLU A 396 8.61 -28.03 -1.50
C GLU A 396 9.47 -26.77 -1.61
N ILE A 397 9.00 -25.67 -1.03
CA ILE A 397 9.81 -24.44 -0.90
C ILE A 397 10.92 -24.66 0.14
N LYS A 398 10.54 -25.25 1.28
CA LYS A 398 11.47 -25.54 2.39
C LYS A 398 12.70 -26.35 1.95
N THR A 399 12.47 -27.38 1.12
CA THR A 399 13.56 -28.19 0.58
C THR A 399 14.48 -27.39 -0.36
N LEU A 400 13.89 -26.50 -1.16
CA LEU A 400 14.65 -25.63 -2.05
C LEU A 400 15.41 -24.54 -1.28
N ASN A 401 14.81 -24.05 -0.19
CA ASN A 401 15.38 -22.96 0.63
C ASN A 401 16.73 -23.32 1.26
N GLN A 402 16.93 -24.60 1.61
CA GLN A 402 18.22 -25.10 2.11
C GLN A 402 19.39 -24.78 1.17
N LYS A 403 19.16 -24.94 -0.13
CA LYS A 403 20.17 -24.61 -1.15
C LYS A 403 20.34 -23.09 -1.31
N GLU A 404 19.25 -22.35 -1.18
CA GLU A 404 19.28 -20.88 -1.25
C GLU A 404 20.00 -20.24 -0.05
N ALA A 405 19.77 -20.80 1.14
CA ALA A 405 20.37 -20.29 2.37
C ALA A 405 21.90 -20.44 2.39
N VAL A 406 22.39 -21.61 2.00
CA VAL A 406 23.84 -21.85 1.88
C VAL A 406 24.48 -21.02 0.75
N ALA A 407 23.76 -20.87 -0.37
CA ALA A 407 24.22 -20.05 -1.49
C ALA A 407 24.50 -18.59 -1.11
N TYR A 408 23.70 -18.05 -0.19
CA TYR A 408 23.97 -16.72 0.39
C TYR A 408 25.29 -16.69 1.16
N ALA A 409 25.57 -17.74 1.92
CA ALA A 409 26.84 -17.88 2.65
C ALA A 409 28.03 -18.06 1.71
N VAL A 410 27.83 -18.83 0.63
CA VAL A 410 28.86 -19.01 -0.41
C VAL A 410 29.14 -17.69 -1.14
N ASN A 411 28.08 -16.95 -1.47
CA ASN A 411 28.21 -15.63 -2.09
C ASN A 411 28.87 -14.63 -1.13
N SER A 412 28.53 -14.71 0.16
CA SER A 412 29.16 -13.89 1.20
C SER A 412 30.66 -14.13 1.32
N TRP A 413 31.09 -15.39 1.17
CA TRP A 413 32.52 -15.73 1.18
C TRP A 413 33.24 -15.12 -0.02
N THR A 414 32.69 -15.35 -1.22
CA THR A 414 33.31 -14.87 -2.47
C THR A 414 33.43 -13.33 -2.51
N THR A 415 32.38 -12.63 -2.08
CA THR A 415 32.40 -11.17 -2.01
C THR A 415 33.37 -10.63 -0.94
N SER A 416 33.48 -11.33 0.19
CA SER A 416 34.37 -10.92 1.28
C SER A 416 35.84 -11.21 0.98
N ILE A 417 36.13 -12.43 0.52
CA ILE A 417 37.52 -12.88 0.24
C ILE A 417 38.23 -11.96 -0.77
N SER A 418 37.49 -11.50 -1.79
CA SER A 418 38.01 -10.52 -2.76
C SER A 418 38.57 -9.25 -2.11
N GLY A 419 37.98 -8.85 -0.97
CA GLY A 419 38.51 -7.76 -0.15
C GLY A 419 39.91 -8.03 0.38
N MET A 420 40.12 -9.23 0.92
CA MET A 420 41.46 -9.64 1.39
C MET A 420 42.43 -9.87 0.24
N LEU A 421 41.93 -10.40 -0.88
CA LEU A 421 42.72 -10.52 -2.11
C LEU A 421 43.20 -9.15 -2.60
N LEU A 422 42.33 -8.15 -2.52
CA LEU A 422 42.68 -6.77 -2.85
C LEU A 422 43.66 -6.16 -1.84
N LYS A 423 43.38 -6.35 -0.54
CA LYS A 423 44.22 -5.81 0.54
C LYS A 423 45.64 -6.42 0.59
N VAL A 424 45.73 -7.73 0.39
CA VAL A 424 47.03 -8.42 0.35
C VAL A 424 47.82 -8.02 -0.90
N GLY A 425 47.14 -7.91 -2.04
CA GLY A 425 47.74 -7.41 -3.27
C GLY A 425 48.39 -6.04 -3.12
N ILE A 426 47.72 -5.15 -2.39
CA ILE A 426 48.25 -3.82 -2.06
C ILE A 426 49.49 -3.94 -1.16
N LEU A 427 49.48 -4.88 -0.22
CA LEU A 427 50.63 -5.12 0.66
C LEU A 427 51.87 -5.63 -0.10
N TYR A 428 51.65 -6.54 -1.05
CA TYR A 428 52.75 -7.07 -1.88
C TYR A 428 53.24 -6.05 -2.92
N ILE A 429 52.31 -5.43 -3.64
CA ILE A 429 52.65 -4.42 -4.66
C ILE A 429 53.28 -3.19 -4.01
N GLY A 430 52.69 -2.74 -2.89
CA GLY A 430 53.24 -1.63 -2.10
C GLY A 430 54.56 -1.97 -1.44
N GLY A 431 54.66 -3.19 -0.90
CA GLY A 431 55.88 -3.67 -0.25
C GLY A 431 57.13 -3.61 -1.11
N GLN A 432 56.98 -3.94 -2.39
CA GLN A 432 58.07 -3.80 -3.37
C GLN A 432 58.47 -2.33 -3.57
N LEU A 433 57.48 -1.43 -3.56
CA LEU A 433 57.73 0.01 -3.67
C LEU A 433 58.37 0.58 -2.40
N VAL A 434 58.02 0.03 -1.24
CA VAL A 434 58.68 0.35 0.03
C VAL A 434 60.13 -0.17 0.04
N THR A 435 60.33 -1.38 -0.47
CA THR A 435 61.67 -1.97 -0.59
C THR A 435 62.55 -1.20 -1.58
N SER A 436 61.95 -0.78 -2.70
CA SER A 436 62.65 0.05 -3.70
C SER A 436 62.95 1.46 -3.15
N GLY A 437 61.95 2.05 -2.49
CA GLY A 437 62.12 3.34 -1.81
C GLY A 437 61.96 4.54 -2.72
N ALA A 438 60.90 4.52 -3.53
CA ALA A 438 60.56 5.64 -4.43
C ALA A 438 59.49 6.51 -3.77
N VAL A 439 58.36 5.89 -3.45
CA VAL A 439 57.24 6.55 -2.77
C VAL A 439 57.31 6.23 -1.27
N SER A 440 57.07 7.25 -0.45
CA SER A 440 57.23 7.12 1.01
C SER A 440 56.06 6.38 1.67
N SER A 441 56.26 6.01 2.93
CA SER A 441 55.25 5.29 3.72
C SER A 441 53.98 6.09 3.93
N GLY A 442 54.14 7.39 4.24
CA GLY A 442 53.01 8.32 4.34
C GLY A 442 52.23 8.43 3.04
N ASN A 443 52.95 8.51 1.92
CA ASN A 443 52.34 8.53 0.59
C ASN A 443 51.65 7.20 0.24
N LEU A 444 52.21 6.10 0.74
CA LEU A 444 51.55 4.79 0.64
C LEU A 444 50.26 4.75 1.46
N VAL A 445 50.29 5.33 2.68
CA VAL A 445 49.10 5.41 3.53
C VAL A 445 48.02 6.29 2.90
N THR A 446 48.41 7.41 2.28
CA THR A 446 47.45 8.25 1.53
C THR A 446 46.88 7.49 0.34
N PHE A 447 47.76 6.84 -0.41
CA PHE A 447 47.35 6.00 -1.56
C PHE A 447 46.36 4.91 -1.15
N VAL A 448 46.63 4.23 -0.05
CA VAL A 448 45.73 3.20 0.50
C VAL A 448 44.40 3.81 0.95
N LEU A 449 44.47 4.93 1.68
CA LEU A 449 43.25 5.61 2.17
C LEU A 449 42.38 6.16 1.03
N TYR A 450 43.01 6.78 0.04
CA TYR A 450 42.30 7.30 -1.14
C TYR A 450 41.73 6.17 -2.01
N GLN A 451 42.50 5.09 -2.19
CA GLN A 451 42.02 3.91 -2.94
C GLN A 451 40.86 3.22 -2.22
N MET A 452 40.97 3.07 -0.90
CA MET A 452 39.90 2.48 -0.09
C MET A 452 38.64 3.35 -0.07
N GLN A 453 38.83 4.67 0.04
CA GLN A 453 37.72 5.62 0.00
C GLN A 453 37.06 5.70 -1.38
N PHE A 454 37.87 5.64 -2.44
CA PHE A 454 37.36 5.70 -3.83
C PHE A 454 36.47 4.52 -4.17
N THR A 455 36.92 3.30 -3.84
CA THR A 455 36.15 2.07 -4.11
C THR A 455 34.82 2.07 -3.36
N GLN A 456 34.86 2.39 -2.06
CA GLN A 456 33.65 2.48 -1.24
C GLN A 456 32.72 3.63 -1.64
N ALA A 457 33.29 4.71 -2.17
CA ALA A 457 32.51 5.84 -2.71
C ALA A 457 31.80 5.46 -4.01
N VAL A 458 32.55 4.88 -4.94
CA VAL A 458 32.01 4.42 -6.24
C VAL A 458 31.00 3.29 -6.06
N GLU A 459 31.24 2.39 -5.10
CA GLU A 459 30.32 1.27 -4.79
C GLU A 459 28.87 1.72 -4.56
N VAL A 460 28.68 2.88 -3.94
CA VAL A 460 27.34 3.44 -3.73
C VAL A 460 26.83 4.12 -5.01
N LEU A 461 27.73 4.78 -5.75
CA LEU A 461 27.38 5.50 -6.99
C LEU A 461 26.74 4.61 -8.07
N LEU A 462 27.11 3.32 -8.10
CA LEU A 462 26.54 2.37 -9.08
C LEU A 462 25.07 2.01 -8.81
N SER A 463 24.63 2.09 -7.55
CA SER A 463 23.26 1.70 -7.16
C SER A 463 22.16 2.68 -7.60
N ILE A 464 22.53 3.90 -7.99
CA ILE A 464 21.57 4.93 -8.40
C ILE A 464 21.10 4.74 -9.84
N TYR A 465 22.02 4.39 -10.74
CA TYR A 465 21.74 4.31 -12.19
C TYR A 465 20.54 3.41 -12.58
N PRO A 466 20.34 2.27 -11.90
CA PRO A 466 19.08 1.52 -12.06
C PRO A 466 17.85 2.29 -11.56
N ARG A 467 17.94 2.89 -10.37
CA ARG A 467 16.83 3.63 -9.77
C ARG A 467 16.44 4.91 -10.53
N VAL A 468 17.38 5.48 -11.27
CA VAL A 468 17.10 6.58 -12.21
C VAL A 468 16.23 6.07 -13.37
N GLN A 469 16.61 4.92 -13.92
CA GLN A 469 15.83 4.26 -14.98
C GLN A 469 14.46 3.77 -14.48
N LYS A 470 14.41 3.40 -13.20
CA LYS A 470 13.15 3.03 -12.53
C LYS A 470 12.24 4.26 -12.32
N ALA A 471 12.84 5.37 -11.86
CA ALA A 471 12.08 6.59 -11.57
C ALA A 471 11.63 7.33 -12.82
N VAL A 472 12.52 7.46 -13.81
CA VAL A 472 12.23 8.19 -15.06
C VAL A 472 11.06 7.58 -15.87
N GLY A 473 10.88 6.26 -15.76
CA GLY A 473 9.75 5.57 -16.38
C GLY A 473 8.39 6.06 -15.90
N SER A 474 8.30 6.35 -14.60
CA SER A 474 7.10 6.97 -14.02
C SER A 474 7.00 8.44 -14.45
N SER A 475 8.12 9.15 -14.40
CA SER A 475 8.19 10.58 -14.75
C SER A 475 7.61 10.90 -16.13
N GLU A 476 7.97 10.11 -17.14
CA GLU A 476 7.43 10.26 -18.49
C GLU A 476 5.92 10.05 -18.56
N LYS A 477 5.40 9.10 -17.78
CA LYS A 477 3.95 8.88 -17.66
C LYS A 477 3.25 10.02 -16.91
N ILE A 478 3.93 10.59 -15.92
CA ILE A 478 3.43 11.79 -15.22
C ILE A 478 3.40 13.00 -16.16
N PHE A 479 4.44 13.15 -16.99
CA PHE A 479 4.44 14.17 -18.05
C PHE A 479 3.36 13.92 -19.12
N GLU A 480 3.15 12.65 -19.47
CA GLU A 480 2.06 12.25 -20.37
C GLU A 480 0.68 12.54 -19.76
N TYR A 481 0.56 12.34 -18.44
CA TYR A 481 -0.65 12.69 -17.69
C TYR A 481 -0.83 14.21 -17.60
N LEU A 482 0.26 14.94 -17.40
CA LEU A 482 0.23 16.41 -17.26
C LEU A 482 -0.05 17.14 -18.57
N ASP A 483 0.60 16.72 -19.66
CA ASP A 483 0.53 17.45 -20.95
C ASP A 483 -0.82 17.40 -21.69
N ARG A 484 -1.74 16.52 -21.25
CA ARG A 484 -3.08 16.42 -21.83
C ARG A 484 -3.89 17.69 -21.55
N GLY A 492 -13.02 34.84 -23.42
CA GLY A 492 -13.29 36.27 -23.60
C GLY A 492 -14.22 36.82 -22.54
N LEU A 493 -13.83 36.63 -21.28
CA LEU A 493 -14.60 36.99 -20.08
C LEU A 493 -15.59 38.15 -20.22
N LEU A 494 -16.85 37.82 -20.54
CA LEU A 494 -17.95 38.78 -20.59
C LEU A 494 -18.50 38.96 -19.17
N THR A 495 -18.38 40.18 -18.65
CA THR A 495 -18.69 40.46 -17.25
C THR A 495 -20.18 40.57 -16.97
N PRO A 496 -20.56 40.63 -15.68
CA PRO A 496 -21.90 40.76 -15.13
C PRO A 496 -22.24 42.22 -14.78
N LEU A 497 -23.42 42.65 -15.20
CA LEU A 497 -23.89 44.02 -14.91
C LEU A 497 -25.42 44.12 -15.05
N HIS A 498 -25.92 43.88 -16.27
CA HIS A 498 -27.36 43.88 -16.55
C HIS A 498 -27.83 42.45 -16.80
N LEU A 499 -28.63 41.91 -15.87
CA LEU A 499 -29.16 40.55 -15.99
C LEU A 499 -30.31 40.49 -16.99
N GLU A 500 -30.03 39.97 -18.19
CA GLU A 500 -31.05 39.83 -19.24
C GLU A 500 -31.96 38.64 -18.93
N GLY A 501 -31.38 37.45 -18.85
CA GLY A 501 -32.09 36.25 -18.39
C GLY A 501 -32.99 35.58 -19.43
N LEU A 502 -32.40 35.25 -20.57
CA LEU A 502 -33.10 34.50 -21.63
C LEU A 502 -32.14 33.50 -22.27
N VAL A 503 -32.37 32.22 -22.01
CA VAL A 503 -31.51 31.13 -22.52
C VAL A 503 -32.08 30.51 -23.79
N GLN A 504 -31.35 30.62 -24.90
CA GLN A 504 -31.77 30.09 -26.18
C GLN A 504 -30.90 28.90 -26.60
N PHE A 505 -31.46 27.70 -26.48
CA PHE A 505 -30.84 26.49 -27.05
C PHE A 505 -31.24 26.43 -28.52
N GLN A 506 -30.48 27.13 -29.36
CA GLN A 506 -30.77 27.25 -30.79
C GLN A 506 -30.32 26.01 -31.55
N ASP A 507 -31.27 25.08 -31.75
CA ASP A 507 -31.03 23.82 -32.48
C ASP A 507 -29.91 23.00 -31.85
N VAL A 508 -29.87 22.97 -30.51
CA VAL A 508 -28.74 22.43 -29.77
C VAL A 508 -28.61 20.91 -29.86
N SER A 509 -27.40 20.42 -29.60
CA SER A 509 -27.11 18.98 -29.60
C SER A 509 -26.02 18.66 -28.56
N PHE A 510 -26.45 18.13 -27.42
CA PHE A 510 -25.55 17.76 -26.32
C PHE A 510 -25.08 16.31 -26.48
N ALA A 511 -23.77 16.12 -26.59
CA ALA A 511 -23.16 14.80 -26.76
C ALA A 511 -21.94 14.64 -25.85
N TYR A 512 -21.74 13.43 -25.35
CA TYR A 512 -20.61 13.10 -24.48
C TYR A 512 -19.32 12.97 -25.29
N PRO A 513 -18.16 13.05 -24.60
CA PRO A 513 -16.82 12.93 -25.15
C PRO A 513 -16.49 11.56 -25.75
N ASN A 514 -17.09 10.50 -25.22
CA ASN A 514 -16.87 9.13 -25.72
C ASN A 514 -17.47 8.92 -27.10
N ARG A 515 -18.76 9.22 -27.23
CA ARG A 515 -19.50 9.07 -28.50
C ARG A 515 -19.94 10.42 -29.05
N PRO A 516 -19.30 10.88 -30.14
CA PRO A 516 -19.57 12.13 -30.84
C PRO A 516 -20.91 12.13 -31.57
N ASP A 517 -21.19 11.06 -32.33
CA ASP A 517 -22.44 10.92 -33.07
C ASP A 517 -23.63 10.63 -32.15
N VAL A 518 -23.47 9.63 -31.29
CA VAL A 518 -24.53 9.23 -30.35
C VAL A 518 -24.67 10.25 -29.21
N LEU A 519 -25.53 11.24 -29.42
CA LEU A 519 -25.71 12.34 -28.47
C LEU A 519 -26.78 12.02 -27.42
N VAL A 520 -26.66 12.65 -26.26
CA VAL A 520 -27.65 12.52 -25.18
C VAL A 520 -28.85 13.41 -25.48
N LEU A 521 -28.57 14.69 -25.73
CA LEU A 521 -29.58 15.65 -26.19
C LEU A 521 -29.40 15.90 -27.69
N GLN A 522 -30.50 15.88 -28.44
CA GLN A 522 -30.47 16.07 -29.89
C GLN A 522 -31.70 16.84 -30.37
N GLY A 523 -31.48 17.90 -31.13
CA GLY A 523 -32.56 18.74 -31.64
C GLY A 523 -33.22 19.58 -30.56
N LEU A 524 -32.39 20.23 -29.74
CA LEU A 524 -32.88 21.06 -28.65
C LEU A 524 -33.37 22.41 -29.19
N THR A 525 -34.60 22.78 -28.82
CA THR A 525 -35.21 24.04 -29.24
C THR A 525 -35.77 24.79 -28.02
N PHE A 526 -34.90 25.01 -27.04
CA PHE A 526 -35.27 25.68 -25.79
C PHE A 526 -35.33 27.20 -25.96
N THR A 527 -36.07 27.84 -25.05
CA THR A 527 -36.24 29.30 -25.06
C THR A 527 -36.73 29.80 -23.71
N LEU A 528 -35.80 29.94 -22.77
CA LEU A 528 -36.12 30.38 -21.40
C LEU A 528 -36.34 31.88 -21.33
N ARG A 529 -36.82 32.35 -20.17
CA ARG A 529 -37.10 33.76 -19.93
C ARG A 529 -37.05 34.06 -18.44
N PRO A 530 -37.08 35.36 -18.10
CA PRO A 530 -37.01 35.89 -16.74
C PRO A 530 -38.32 35.74 -15.98
N GLY A 531 -38.26 35.12 -14.80
CA GLY A 531 -39.44 34.91 -13.96
C GLY A 531 -40.38 33.87 -14.54
N GLU A 532 -39.86 32.64 -14.67
CA GLU A 532 -40.65 31.53 -15.21
C GLU A 532 -40.02 30.18 -14.83
N VAL A 533 -40.77 29.37 -14.08
CA VAL A 533 -40.30 28.06 -13.64
C VAL A 533 -40.39 27.05 -14.78
N THR A 534 -39.24 26.67 -15.33
CA THR A 534 -39.16 25.67 -16.41
C THR A 534 -39.23 24.25 -15.84
N ALA A 535 -39.64 23.31 -16.67
CA ALA A 535 -39.68 21.88 -16.31
C ALA A 535 -39.26 20.99 -17.48
N LEU A 536 -38.68 19.84 -17.16
CA LEU A 536 -38.20 18.88 -18.15
C LEU A 536 -38.60 17.45 -17.77
N VAL A 537 -39.84 17.09 -18.09
CA VAL A 537 -40.38 15.76 -17.79
C VAL A 537 -39.93 14.74 -18.82
N GLY A 538 -39.63 13.53 -18.35
CA GLY A 538 -39.18 12.45 -19.24
C GLY A 538 -38.78 11.18 -18.51
N PRO A 539 -38.08 10.28 -19.20
CA PRO A 539 -37.62 8.97 -18.71
C PRO A 539 -36.21 9.02 -18.11
N ASN A 540 -35.78 7.90 -17.55
CA ASN A 540 -34.46 7.77 -16.93
C ASN A 540 -33.35 7.79 -17.99
N GLY A 541 -32.55 8.85 -17.98
CA GLY A 541 -31.50 9.05 -18.98
C GLY A 541 -32.06 9.53 -20.32
N SER A 542 -32.90 10.56 -20.27
CA SER A 542 -33.50 11.16 -21.46
C SER A 542 -33.04 12.61 -21.64
N GLY A 543 -31.73 12.82 -21.54
CA GLY A 543 -31.13 14.15 -21.62
C GLY A 543 -31.43 15.07 -20.45
N LYS A 544 -31.72 14.49 -19.28
CA LYS A 544 -32.10 15.26 -18.08
C LYS A 544 -30.88 15.91 -17.44
N SER A 545 -29.86 15.11 -17.16
CA SER A 545 -28.60 15.60 -16.60
C SER A 545 -27.78 16.40 -17.63
N THR A 546 -27.80 15.95 -18.89
CA THR A 546 -27.09 16.61 -19.98
C THR A 546 -27.60 18.03 -20.28
N VAL A 547 -28.91 18.23 -20.20
CA VAL A 547 -29.52 19.56 -20.37
C VAL A 547 -29.12 20.54 -19.26
N ALA A 548 -29.15 20.05 -18.02
CA ALA A 548 -28.71 20.84 -16.84
C ALA A 548 -27.21 21.14 -16.88
N ALA A 549 -26.42 20.14 -17.23
CA ALA A 549 -24.97 20.29 -17.42
C ALA A 549 -24.63 21.24 -18.58
N LEU A 550 -25.47 21.23 -19.62
CA LEU A 550 -25.33 22.16 -20.75
C LEU A 550 -25.58 23.61 -20.34
N LEU A 551 -26.71 23.84 -19.66
CA LEU A 551 -27.08 25.18 -19.16
C LEU A 551 -26.02 25.77 -18.23
N GLN A 552 -25.48 24.94 -17.33
CA GLN A 552 -24.36 25.33 -16.48
C GLN A 552 -23.06 25.53 -17.27
N ASN A 553 -22.90 24.75 -18.35
CA ASN A 553 -21.78 24.86 -19.28
C ASN A 553 -20.49 24.26 -18.71
N LEU A 554 -20.59 23.02 -18.22
CA LEU A 554 -19.44 22.23 -17.80
C LEU A 554 -18.88 21.51 -19.03
N TYR A 555 -19.76 20.75 -19.70
CA TYR A 555 -19.46 20.13 -20.98
C TYR A 555 -20.13 20.98 -22.07
N GLN A 556 -19.35 21.41 -23.06
CA GLN A 556 -19.84 22.28 -24.13
C GLN A 556 -20.76 21.54 -25.11
N PRO A 557 -21.62 22.29 -25.82
CA PRO A 557 -22.57 21.78 -26.80
C PRO A 557 -21.88 21.22 -28.04
N THR A 558 -22.28 20.01 -28.46
CA THR A 558 -21.67 19.34 -29.62
C THR A 558 -22.10 20.00 -30.94
N GLY A 559 -23.37 20.37 -31.04
CA GLY A 559 -23.90 21.05 -32.23
C GLY A 559 -24.91 22.12 -31.90
N GLY A 560 -25.15 23.02 -32.86
CA GLY A 560 -26.11 24.11 -32.70
C GLY A 560 -25.57 25.24 -31.85
N GLN A 561 -26.39 25.75 -30.94
CA GLN A 561 -25.99 26.83 -30.03
C GLN A 561 -26.78 26.78 -28.72
N LEU A 562 -26.19 27.35 -27.68
CA LEU A 562 -26.81 27.43 -26.35
C LEU A 562 -26.48 28.77 -25.69
N LEU A 563 -27.06 29.83 -26.24
CA LEU A 563 -26.80 31.20 -25.78
C LEU A 563 -27.57 31.52 -24.49
N LEU A 564 -26.99 32.41 -23.69
CA LEU A 564 -27.62 32.94 -22.48
C LEU A 564 -27.50 34.46 -22.49
N ASP A 565 -28.65 35.15 -22.49
CA ASP A 565 -28.73 36.62 -22.62
C ASP A 565 -28.13 37.13 -23.93
N GLY A 566 -28.36 36.37 -25.02
CA GLY A 566 -27.84 36.72 -26.34
C GLY A 566 -26.34 36.58 -26.50
N LYS A 567 -25.77 35.55 -25.85
CA LYS A 567 -24.32 35.30 -25.90
C LYS A 567 -23.99 33.92 -25.35
N PRO A 568 -23.03 33.24 -25.99
CA PRO A 568 -22.59 31.88 -25.62
C PRO A 568 -22.03 31.79 -24.19
N LEU A 569 -22.21 30.63 -23.56
CA LEU A 569 -21.79 30.41 -22.17
C LEU A 569 -20.27 30.51 -21.99
N PRO A 570 -19.52 29.99 -22.98
CA PRO A 570 -18.05 30.06 -23.10
C PRO A 570 -17.49 31.48 -23.08
N GLN A 571 -18.26 32.46 -23.59
CA GLN A 571 -17.88 33.87 -23.57
C GLN A 571 -17.85 34.47 -22.18
N TYR A 572 -18.73 34.01 -21.28
CA TYR A 572 -18.82 34.55 -19.92
C TYR A 572 -17.61 34.16 -19.06
N GLU A 573 -17.28 35.02 -18.10
CA GLU A 573 -16.17 34.78 -17.17
C GLU A 573 -16.59 33.76 -16.11
N HIS A 574 -15.66 32.85 -15.76
CA HIS A 574 -15.95 31.73 -14.85
C HIS A 574 -16.59 32.14 -13.53
N ARG A 575 -16.08 33.22 -12.94
CA ARG A 575 -16.63 33.78 -11.71
C ARG A 575 -18.01 34.42 -11.93
N TYR A 576 -18.17 35.13 -13.04
CA TYR A 576 -19.44 35.78 -13.40
C TYR A 576 -20.53 34.75 -13.69
N LEU A 577 -20.17 33.72 -14.44
CA LEU A 577 -21.06 32.58 -14.73
C LEU A 577 -21.36 31.77 -13.46
N HIS A 578 -20.37 31.66 -12.58
CA HIS A 578 -20.57 31.06 -11.25
C HIS A 578 -21.59 31.85 -10.42
N ARG A 579 -21.51 33.18 -10.50
CA ARG A 579 -22.46 34.06 -9.81
C ARG A 579 -23.87 34.02 -10.43
N GLN A 580 -23.94 34.04 -11.76
CA GLN A 580 -25.22 34.07 -12.48
C GLN A 580 -25.96 32.73 -12.48
N VAL A 581 -25.23 31.64 -12.75
CA VAL A 581 -25.81 30.30 -12.86
C VAL A 581 -25.59 29.48 -11.57
N ALA A 582 -26.66 28.84 -11.08
CA ALA A 582 -26.60 27.97 -9.90
C ALA A 582 -27.28 26.64 -10.20
N ALA A 583 -26.71 25.55 -9.67
CA ALA A 583 -27.18 24.20 -9.96
C ALA A 583 -26.90 23.24 -8.81
N VAL A 584 -27.97 22.75 -8.17
CA VAL A 584 -27.88 21.73 -7.12
C VAL A 584 -27.78 20.35 -7.77
N GLY A 585 -26.78 19.57 -7.38
CA GLY A 585 -26.56 18.23 -7.93
C GLY A 585 -27.52 17.18 -7.40
N GLN A 586 -27.45 15.99 -7.98
CA GLN A 586 -28.28 14.86 -7.55
C GLN A 586 -27.80 14.31 -6.21
N GLU A 587 -26.53 13.95 -6.14
CA GLU A 587 -25.89 13.53 -4.89
C GLU A 587 -25.49 14.76 -4.09
N PRO A 588 -26.22 15.02 -2.99
CA PRO A 588 -26.03 16.15 -2.09
C PRO A 588 -24.69 16.10 -1.35
N GLN A 589 -23.63 16.52 -2.03
CA GLN A 589 -22.27 16.48 -1.49
C GLN A 589 -22.07 17.59 -0.44
N VAL A 590 -21.23 17.31 0.55
CA VAL A 590 -20.91 18.25 1.62
C VAL A 590 -19.43 18.16 1.97
N PHE A 591 -18.77 19.33 2.06
CA PHE A 591 -17.33 19.39 2.33
C PHE A 591 -17.02 19.16 3.81
N GLY A 592 -15.74 18.94 4.10
CA GLY A 592 -15.27 18.67 5.45
C GLY A 592 -15.18 19.87 6.38
N ARG A 593 -15.32 21.08 5.84
CA ARG A 593 -15.24 22.32 6.63
C ARG A 593 -16.46 22.56 7.51
N SER A 594 -16.48 23.70 8.19
CA SER A 594 -17.61 24.11 9.03
C SER A 594 -18.83 24.52 8.19
N LEU A 595 -19.98 24.56 8.84
CA LEU A 595 -21.26 24.90 8.18
C LEU A 595 -21.26 26.29 7.54
N GLN A 596 -20.57 27.24 8.18
CA GLN A 596 -20.36 28.58 7.60
C GLN A 596 -19.50 28.51 6.34
N GLU A 597 -18.43 27.71 6.38
CA GLU A 597 -17.53 27.51 5.23
C GLU A 597 -18.23 26.79 4.08
N ASN A 598 -18.99 25.74 4.42
CA ASN A 598 -19.78 24.98 3.44
C ASN A 598 -20.91 25.81 2.84
N ILE A 599 -21.61 26.58 3.66
CA ILE A 599 -22.66 27.49 3.20
C ILE A 599 -22.12 28.64 2.34
N ALA A 600 -20.95 29.15 2.71
CA ALA A 600 -20.26 30.21 1.96
C ALA A 600 -19.09 29.68 1.12
N TYR A 601 -19.21 28.46 0.60
CA TYR A 601 -18.20 27.87 -0.28
C TYR A 601 -18.32 28.46 -1.70
N GLY A 602 -17.18 28.70 -2.34
CA GLY A 602 -17.14 29.21 -3.70
C GLY A 602 -17.53 30.67 -3.78
N LEU A 603 -16.62 31.54 -3.35
CA LEU A 603 -16.84 32.99 -3.37
C LEU A 603 -15.52 33.76 -3.21
N THR A 604 -15.39 34.85 -3.95
CA THR A 604 -14.22 35.73 -3.85
C THR A 604 -14.29 36.54 -2.55
N GLN A 605 -15.39 37.26 -2.39
CA GLN A 605 -15.67 38.03 -1.17
C GLN A 605 -16.29 37.11 -0.11
N LYS A 606 -15.96 37.38 1.16
CA LYS A 606 -16.48 36.60 2.28
C LYS A 606 -17.95 36.95 2.55
N PRO A 607 -18.78 35.92 2.75
CA PRO A 607 -20.21 36.06 3.02
C PRO A 607 -20.50 36.59 4.42
N THR A 608 -21.40 37.56 4.53
CA THR A 608 -21.77 38.15 5.82
C THR A 608 -22.66 37.22 6.64
N MET A 609 -22.55 37.31 7.96
CA MET A 609 -23.32 36.46 8.89
C MET A 609 -24.83 36.61 8.71
N GLU A 610 -25.27 37.85 8.47
CA GLU A 610 -26.67 38.13 8.14
C GLU A 610 -27.08 37.45 6.83
N GLU A 611 -26.17 37.45 5.85
CA GLU A 611 -26.38 36.77 4.57
C GLU A 611 -26.43 35.26 4.72
N ILE A 612 -25.50 34.70 5.48
CA ILE A 612 -25.46 33.26 5.77
C ILE A 612 -26.70 32.82 6.56
N THR A 613 -27.12 33.63 7.52
CA THR A 613 -28.32 33.37 8.32
C THR A 613 -29.61 33.49 7.50
N ALA A 614 -29.69 34.54 6.68
CA ALA A 614 -30.84 34.77 5.79
C ALA A 614 -30.95 33.71 4.69
N ALA A 615 -29.80 33.24 4.19
CA ALA A 615 -29.77 32.16 3.19
C ALA A 615 -30.26 30.83 3.78
N ALA A 616 -29.76 30.50 4.97
CA ALA A 616 -30.22 29.33 5.71
C ALA A 616 -31.69 29.44 6.15
N VAL A 617 -32.13 30.67 6.46
CA VAL A 617 -33.54 30.93 6.80
C VAL A 617 -34.46 30.82 5.60
N LYS A 618 -34.02 31.36 4.45
CA LYS A 618 -34.80 31.32 3.21
C LYS A 618 -34.86 29.91 2.60
N SER A 619 -33.70 29.25 2.52
CA SER A 619 -33.61 27.90 1.96
C SER A 619 -34.28 26.83 2.85
N GLY A 620 -34.35 27.08 4.16
CA GLY A 620 -34.96 26.16 5.13
C GLY A 620 -33.98 25.22 5.81
N ALA A 621 -32.75 25.68 6.01
CA ALA A 621 -31.73 24.96 6.78
C ALA A 621 -31.46 25.59 8.16
N HIS A 622 -32.08 26.73 8.45
CA HIS A 622 -31.83 27.49 9.69
C HIS A 622 -32.14 26.71 10.98
N SER A 623 -33.15 25.85 10.92
CA SER A 623 -33.45 24.91 12.01
C SER A 623 -32.31 23.89 12.21
N PHE A 624 -31.77 23.40 11.10
CA PHE A 624 -30.62 22.47 11.13
C PHE A 624 -29.34 23.16 11.61
N ILE A 625 -29.12 24.39 11.16
CA ILE A 625 -27.95 25.19 11.56
C ILE A 625 -28.02 25.62 13.02
N SER A 626 -29.16 26.18 13.43
CA SER A 626 -29.38 26.60 14.82
C SER A 626 -29.53 25.42 15.80
N GLY A 627 -30.03 24.29 15.31
CA GLY A 627 -30.20 23.08 16.12
C GLY A 627 -28.90 22.41 16.54
N LEU A 628 -27.93 22.36 15.62
CA LEU A 628 -26.62 21.74 15.88
C LEU A 628 -25.76 22.58 16.83
N PRO A 629 -24.67 21.98 17.35
CA PRO A 629 -23.75 22.57 18.30
C PRO A 629 -22.88 23.66 17.69
N GLN A 630 -22.77 24.80 18.39
CA GLN A 630 -21.94 25.94 17.98
C GLN A 630 -22.34 26.58 16.63
N GLY A 631 -23.64 26.53 16.32
CA GLY A 631 -24.20 27.19 15.12
C GLY A 631 -23.61 26.71 13.81
N TYR A 632 -23.14 27.67 13.00
CA TYR A 632 -22.49 27.39 11.72
C TYR A 632 -21.03 26.92 11.87
N ASP A 633 -20.46 27.06 13.07
CA ASP A 633 -19.08 26.62 13.34
C ASP A 633 -18.90 25.10 13.51
N THR A 634 -20.00 24.34 13.57
CA THR A 634 -19.94 22.88 13.66
C THR A 634 -19.32 22.25 12.40
N GLU A 635 -18.28 21.44 12.59
CA GLU A 635 -17.54 20.83 11.49
C GLU A 635 -18.35 19.71 10.83
N VAL A 636 -18.48 19.79 9.50
CA VAL A 636 -19.20 18.77 8.74
C VAL A 636 -18.35 17.50 8.62
N ASP A 637 -18.95 16.35 8.93
CA ASP A 637 -18.25 15.06 8.88
C ASP A 637 -18.03 14.58 7.45
N GLU A 638 -17.19 13.56 7.30
CA GLU A 638 -16.85 12.99 5.99
C GLU A 638 -18.01 12.16 5.43
N ALA A 639 -18.28 12.33 4.13
CA ALA A 639 -19.36 11.63 3.41
C ALA A 639 -20.78 11.89 3.95
N GLY A 640 -20.98 13.06 4.56
CA GLY A 640 -22.29 13.43 5.13
C GLY A 640 -22.72 12.57 6.29
N SER A 641 -21.83 12.41 7.26
CA SER A 641 -22.09 11.55 8.44
C SER A 641 -23.02 12.22 9.44
N GLN A 642 -22.70 13.45 9.81
CA GLN A 642 -23.48 14.21 10.80
C GLN A 642 -24.81 14.69 10.21
N LEU A 643 -24.73 15.37 9.07
CA LEU A 643 -25.92 15.92 8.41
C LEU A 643 -26.70 14.83 7.68
N SER A 644 -28.04 14.92 7.75
CA SER A 644 -28.93 13.97 7.07
C SER A 644 -29.12 14.34 5.60
N GLY A 645 -29.94 13.55 4.90
CA GLY A 645 -30.26 13.81 3.49
C GLY A 645 -31.01 15.12 3.29
N GLY A 646 -32.01 15.36 4.12
CA GLY A 646 -32.76 16.62 4.12
C GLY A 646 -31.93 17.82 4.53
N GLN A 647 -31.08 17.63 5.54
CA GLN A 647 -30.12 18.67 5.98
C GLN A 647 -29.07 18.98 4.90
N ARG A 648 -28.60 17.93 4.21
CA ARG A 648 -27.65 18.08 3.10
C ARG A 648 -28.28 18.80 1.90
N GLN A 649 -29.50 18.42 1.55
CA GLN A 649 -30.26 19.08 0.47
C GLN A 649 -30.62 20.53 0.81
N ALA A 650 -31.01 20.78 2.06
CA ALA A 650 -31.30 22.13 2.56
C ALA A 650 -30.05 23.02 2.59
N VAL A 651 -28.92 22.43 3.03
CA VAL A 651 -27.62 23.12 3.00
C VAL A 651 -27.17 23.41 1.57
N ALA A 652 -27.40 22.45 0.66
CA ALA A 652 -27.14 22.64 -0.77
C ALA A 652 -28.02 23.72 -1.39
N LEU A 653 -29.28 23.79 -0.93
CA LEU A 653 -30.20 24.85 -1.35
C LEU A 653 -29.77 26.24 -0.86
N ALA A 654 -29.36 26.32 0.40
CA ALA A 654 -28.84 27.57 0.98
C ALA A 654 -27.51 27.99 0.36
N ARG A 655 -26.67 27.01 0.02
CA ARG A 655 -25.40 27.24 -0.68
C ARG A 655 -25.62 27.91 -2.05
N ALA A 656 -26.61 27.42 -2.79
CA ALA A 656 -27.00 28.03 -4.07
C ALA A 656 -27.73 29.36 -3.88
N LEU A 657 -28.64 29.41 -2.91
CA LEU A 657 -29.42 30.62 -2.62
C LEU A 657 -28.58 31.81 -2.15
N ILE A 658 -27.52 31.52 -1.38
CA ILE A 658 -26.59 32.54 -0.88
C ILE A 658 -25.96 33.39 -1.99
N ARG A 659 -25.68 32.76 -3.13
CA ARG A 659 -25.19 33.47 -4.32
C ARG A 659 -26.25 34.42 -4.92
N LYS A 660 -27.52 34.01 -4.85
CA LYS A 660 -28.66 34.79 -5.37
C LYS A 660 -28.60 34.92 -6.89
N PRO A 661 -28.33 33.80 -7.57
CA PRO A 661 -28.16 33.64 -9.02
C PRO A 661 -29.49 33.64 -9.78
N CYS A 662 -29.41 33.90 -11.08
CA CYS A 662 -30.58 33.92 -11.95
C CYS A 662 -31.04 32.50 -12.25
N VAL A 663 -30.14 31.70 -12.82
CA VAL A 663 -30.44 30.33 -13.20
C VAL A 663 -30.40 29.39 -11.99
N LEU A 664 -31.45 28.57 -11.84
CA LEU A 664 -31.57 27.61 -10.75
C LEU A 664 -31.82 26.21 -11.31
N ILE A 665 -30.85 25.32 -11.13
CA ILE A 665 -30.92 23.94 -11.62
C ILE A 665 -31.04 22.94 -10.46
N LEU A 666 -31.74 21.83 -10.72
CA LEU A 666 -31.96 20.78 -9.72
C LEU A 666 -32.37 19.47 -10.37
N ASP A 667 -31.39 18.62 -10.64
CA ASP A 667 -31.61 17.29 -11.24
C ASP A 667 -31.56 16.21 -10.14
N ASP A 668 -32.75 15.71 -9.77
CA ASP A 668 -32.89 14.70 -8.71
C ASP A 668 -32.44 15.22 -7.33
N ALA A 669 -32.90 16.41 -6.98
CA ALA A 669 -32.50 17.08 -5.73
C ALA A 669 -33.23 16.49 -4.53
N THR A 670 -34.56 16.56 -4.56
CA THR A 670 -35.42 16.08 -3.47
C THR A 670 -36.05 14.73 -3.82
N SER A 671 -35.18 13.72 -3.95
CA SER A 671 -35.62 12.36 -4.26
C SER A 671 -36.21 11.69 -3.01
N ALA A 672 -35.45 11.72 -1.93
CA ALA A 672 -35.88 11.19 -0.63
C ALA A 672 -36.17 12.35 0.35
N LEU A 673 -37.03 13.26 -0.08
CA LEU A 673 -37.36 14.47 0.69
C LEU A 673 -38.59 14.24 1.56
N ASP A 674 -38.58 14.85 2.75
CA ASP A 674 -39.70 14.75 3.69
C ASP A 674 -40.81 15.75 3.36
N ALA A 675 -41.92 15.64 4.09
CA ALA A 675 -43.08 16.54 3.92
C ALA A 675 -42.73 17.99 4.28
N ASN A 676 -42.00 18.17 5.38
CA ASN A 676 -41.53 19.49 5.80
C ASN A 676 -40.48 20.08 4.86
N SER A 677 -39.62 19.22 4.30
CA SER A 677 -38.58 19.66 3.35
C SER A 677 -39.17 20.04 2.01
N GLN A 678 -39.95 19.12 1.42
CA GLN A 678 -40.59 19.32 0.12
C GLN A 678 -41.47 20.58 0.04
N LEU A 679 -42.20 20.85 1.12
CA LEU A 679 -43.02 22.07 1.23
C LEU A 679 -42.16 23.34 1.27
N GLN A 680 -41.03 23.29 1.96
CA GLN A 680 -40.11 24.44 2.06
C GLN A 680 -39.47 24.77 0.71
N VAL A 681 -38.97 23.74 0.03
CA VAL A 681 -38.38 23.90 -1.31
C VAL A 681 -39.42 24.34 -2.35
N GLU A 682 -40.63 23.79 -2.26
CA GLU A 682 -41.74 24.19 -3.14
C GLU A 682 -42.19 25.63 -2.91
N GLN A 683 -42.23 26.04 -1.64
CA GLN A 683 -42.55 27.43 -1.28
C GLN A 683 -41.49 28.42 -1.78
N LEU A 684 -40.23 28.04 -1.61
CA LEU A 684 -39.10 28.84 -2.12
C LEU A 684 -39.06 28.89 -3.65
N LEU A 685 -39.47 27.80 -4.30
CA LEU A 685 -39.54 27.75 -5.76
C LEU A 685 -40.71 28.58 -6.30
N TYR A 686 -41.91 28.27 -5.84
CA TYR A 686 -43.14 28.87 -6.36
C TYR A 686 -43.55 30.14 -5.62
N GLU A 687 -43.73 30.03 -4.30
CA GLU A 687 -44.32 31.09 -3.49
C GLU A 687 -43.39 32.29 -3.21
N SER A 688 -42.08 32.10 -3.31
CA SER A 688 -41.10 33.14 -2.96
C SER A 688 -41.03 34.28 -4.00
N PRO A 689 -40.97 35.53 -3.52
CA PRO A 689 -40.87 36.80 -4.24
C PRO A 689 -39.63 36.92 -5.15
N GLU A 690 -38.51 36.36 -4.70
CA GLU A 690 -37.26 36.35 -5.49
C GLU A 690 -37.35 35.57 -6.80
N ARG A 691 -38.28 34.60 -6.86
CA ARG A 691 -38.54 33.82 -8.08
C ARG A 691 -38.87 34.65 -9.32
N TYR A 692 -39.48 35.83 -9.11
CA TYR A 692 -39.73 36.78 -10.20
C TYR A 692 -38.44 37.18 -10.94
N SER A 693 -37.35 37.31 -10.19
CA SER A 693 -36.02 37.56 -10.76
C SER A 693 -35.08 36.36 -10.54
N ARG A 694 -35.57 35.17 -10.88
CA ARG A 694 -34.79 33.93 -10.73
C ARG A 694 -35.45 32.77 -11.49
N SER A 695 -34.87 32.41 -12.64
CA SER A 695 -35.36 31.29 -13.45
C SER A 695 -35.03 29.95 -12.79
N VAL A 696 -35.99 29.03 -12.82
CA VAL A 696 -35.86 27.73 -12.16
C VAL A 696 -36.21 26.59 -13.12
N LEU A 697 -35.18 26.02 -13.75
CA LEU A 697 -35.33 24.89 -14.68
C LEU A 697 -34.68 23.65 -14.07
N LEU A 698 -35.50 22.79 -13.47
CA LEU A 698 -35.04 21.63 -12.73
C LEU A 698 -35.84 20.36 -13.04
N ILE A 699 -35.18 19.21 -12.96
CA ILE A 699 -35.83 17.91 -13.16
C ILE A 699 -36.59 17.54 -11.87
N THR A 700 -37.90 17.76 -11.88
CA THR A 700 -38.72 17.66 -10.68
C THR A 700 -39.03 16.20 -10.30
N GLN A 701 -38.63 15.81 -9.09
CA GLN A 701 -39.02 14.52 -8.51
C GLN A 701 -40.50 14.57 -8.10
N HIS A 702 -40.86 15.62 -7.38
CA HIS A 702 -42.24 15.84 -6.94
C HIS A 702 -43.08 16.35 -8.12
N LEU A 703 -44.16 15.63 -8.44
CA LEU A 703 -45.02 15.96 -9.60
C LEU A 703 -45.75 17.31 -9.43
N SER A 704 -46.27 17.56 -8.23
CA SER A 704 -46.95 18.82 -7.90
C SER A 704 -46.11 20.07 -8.16
N LEU A 705 -44.80 19.95 -7.94
CA LEU A 705 -43.84 21.01 -8.27
C LEU A 705 -43.86 21.33 -9.77
N VAL A 706 -43.93 20.29 -10.60
CA VAL A 706 -44.08 20.44 -12.05
C VAL A 706 -45.48 20.97 -12.42
N GLU A 707 -46.50 20.35 -11.84
CA GLU A 707 -47.91 20.75 -12.08
C GLU A 707 -48.22 22.21 -11.74
N GLN A 708 -47.50 22.77 -10.77
CA GLN A 708 -47.63 24.19 -10.41
C GLN A 708 -46.49 25.06 -10.97
N ALA A 709 -45.97 24.72 -12.15
CA ALA A 709 -44.91 25.49 -12.81
C ALA A 709 -45.46 26.32 -13.99
N ASP A 710 -44.60 27.17 -14.56
CA ASP A 710 -44.96 28.03 -15.69
C ASP A 710 -44.64 27.37 -17.03
N HIS A 711 -43.36 27.06 -17.24
CA HIS A 711 -42.87 26.44 -18.47
C HIS A 711 -42.59 24.95 -18.27
N ILE A 712 -42.75 24.18 -19.35
CA ILE A 712 -42.55 22.72 -19.32
C ILE A 712 -42.04 22.18 -20.65
N LEU A 713 -41.50 20.96 -20.60
CA LEU A 713 -40.99 20.27 -21.78
C LEU A 713 -41.04 18.74 -21.60
N PHE A 714 -41.56 18.04 -22.60
CA PHE A 714 -41.68 16.58 -22.58
C PHE A 714 -40.54 15.95 -23.37
N LEU A 715 -39.44 15.64 -22.67
CA LEU A 715 -38.25 15.07 -23.30
C LEU A 715 -38.47 13.60 -23.67
N GLU A 716 -37.79 13.16 -24.73
CA GLU A 716 -37.87 11.78 -25.21
C GLU A 716 -36.61 11.39 -25.96
N GLY A 717 -35.65 10.82 -25.24
CA GLY A 717 -34.35 10.45 -25.79
C GLY A 717 -33.52 11.64 -26.28
N GLY A 718 -33.64 12.77 -25.59
CA GLY A 718 -32.97 14.01 -25.98
C GLY A 718 -33.91 15.02 -26.60
N ALA A 719 -34.63 14.59 -27.64
CA ALA A 719 -35.55 15.47 -28.38
C ALA A 719 -36.82 15.74 -27.59
N ILE A 720 -37.27 16.99 -27.62
CA ILE A 720 -38.50 17.40 -26.93
C ILE A 720 -39.72 17.11 -27.80
N ARG A 721 -40.59 16.24 -27.32
CA ARG A 721 -41.82 15.85 -28.05
C ARG A 721 -42.87 16.96 -27.99
N GLU A 722 -43.16 17.42 -26.77
CA GLU A 722 -44.10 18.52 -26.53
C GLU A 722 -43.50 19.56 -25.59
N GLY A 723 -44.13 20.73 -25.53
CA GLY A 723 -43.66 21.84 -24.69
C GLY A 723 -44.75 22.87 -24.44
N GLY A 724 -45.46 22.72 -23.33
CA GLY A 724 -46.53 23.64 -22.96
C GLY A 724 -47.05 23.44 -21.54
N THR A 725 -48.27 23.90 -21.29
CA THR A 725 -48.90 23.82 -19.97
C THR A 725 -49.41 22.41 -19.68
N HIS A 726 -49.46 22.07 -18.38
CA HIS A 726 -49.96 20.76 -17.94
C HIS A 726 -51.45 20.57 -18.27
N GLN A 727 -52.23 21.64 -18.17
CA GLN A 727 -53.64 21.63 -18.57
C GLN A 727 -53.80 21.45 -20.09
N GLN A 728 -52.93 22.10 -20.86
CA GLN A 728 -52.90 21.96 -22.32
C GLN A 728 -52.48 20.56 -22.76
N LEU A 729 -51.45 20.02 -22.10
CA LEU A 729 -50.98 18.65 -22.34
C LEU A 729 -51.99 17.58 -21.90
N MET A 730 -52.71 17.85 -20.80
CA MET A 730 -53.78 16.97 -20.32
C MET A 730 -55.01 17.01 -21.24
N GLU A 731 -55.36 18.20 -21.73
CA GLU A 731 -56.48 18.38 -22.68
C GLU A 731 -56.16 17.75 -24.04
N LYS A 732 -54.97 18.04 -24.56
CA LYS A 732 -54.50 17.45 -25.82
C LYS A 732 -54.18 15.96 -25.71
N LYS A 733 -53.80 15.51 -24.52
CA LYS A 733 -53.47 14.10 -24.23
C LYS A 733 -52.17 13.69 -24.92
N GLY A 734 -51.05 13.89 -24.22
CA GLY A 734 -49.71 13.54 -24.72
C GLY A 734 -48.83 12.90 -23.66
N CYS A 735 -47.56 13.28 -23.65
CA CYS A 735 -46.57 12.71 -22.71
C CYS A 735 -46.84 13.11 -21.26
N TYR A 736 -47.23 14.37 -21.05
CA TYR A 736 -47.57 14.89 -19.72
C TYR A 736 -48.84 14.26 -19.14
N TRP A 737 -49.83 14.01 -20.00
CA TRP A 737 -51.07 13.34 -19.60
C TRP A 737 -50.81 11.89 -19.19
N ALA A 738 -50.00 11.18 -19.99
CA ALA A 738 -49.59 9.80 -19.68
C ALA A 738 -48.68 9.74 -18.43
N MET A 739 -47.78 10.71 -18.30
CA MET A 739 -46.91 10.81 -17.11
C MET A 739 -47.71 11.14 -15.84
N VAL A 740 -48.71 12.02 -15.96
CA VAL A 740 -49.59 12.35 -14.85
C VAL A 740 -50.52 11.19 -14.48
N GLN A 741 -51.06 10.50 -15.49
CA GLN A 741 -51.95 9.37 -15.27
C GLN A 741 -51.21 8.13 -14.73
N ALA A 742 -50.25 7.64 -15.50
CA ALA A 742 -49.46 6.46 -15.11
C ALA A 742 -48.40 6.82 -14.07
N ASP B 130 -1.37 1.33 24.38
CA ASP B 130 -0.39 1.42 23.25
C ASP B 130 0.98 0.83 23.62
N GLN B 131 1.58 1.36 24.68
CA GLN B 131 2.91 0.96 25.13
C GLN B 131 2.94 -0.47 25.69
N VAL B 132 1.91 -0.82 26.47
CA VAL B 132 1.78 -2.18 27.02
C VAL B 132 1.39 -3.17 25.92
N ASN B 133 0.46 -2.76 25.04
CA ASN B 133 0.03 -3.59 23.91
C ASN B 133 1.20 -4.01 23.01
N ASN B 134 2.04 -3.05 22.64
CA ASN B 134 3.23 -3.32 21.83
C ASN B 134 4.26 -4.21 22.55
N LYS B 135 4.36 -4.09 23.86
CA LYS B 135 5.23 -4.94 24.68
C LYS B 135 4.71 -6.38 24.71
N VAL B 136 3.43 -6.52 25.07
CA VAL B 136 2.77 -7.85 25.12
C VAL B 136 2.77 -8.53 23.74
N LEU B 137 2.56 -7.75 22.68
CA LEU B 137 2.62 -8.27 21.31
C LEU B 137 4.04 -8.69 20.89
N MET B 138 5.07 -8.03 21.44
CA MET B 138 6.47 -8.44 21.25
C MET B 138 6.74 -9.75 22.00
N TRP B 139 6.36 -9.79 23.28
CA TRP B 139 6.45 -11.00 24.12
C TRP B 139 5.71 -12.18 23.49
N ARG B 140 4.60 -11.90 22.79
CA ARG B 140 3.89 -12.90 22.00
C ARG B 140 4.68 -13.32 20.75
N LEU B 141 5.33 -12.35 20.09
CA LEU B 141 6.11 -12.60 18.86
C LEU B 141 7.27 -13.56 19.09
N LEU B 142 8.11 -13.24 20.08
CA LEU B 142 9.30 -14.06 20.40
C LEU B 142 8.95 -15.52 20.76
N LYS B 143 7.83 -15.70 21.47
CA LYS B 143 7.33 -17.03 21.84
C LYS B 143 7.11 -17.98 20.65
N LEU B 144 6.73 -17.40 19.50
CA LEU B 144 6.54 -18.19 18.27
C LEU B 144 7.85 -18.78 17.71
N SER B 145 8.99 -18.14 18.01
CA SER B 145 10.30 -18.59 17.51
C SER B 145 10.99 -19.67 18.36
N ARG B 146 10.41 -20.03 19.51
CA ARG B 146 11.04 -20.99 20.45
C ARG B 146 11.42 -22.36 19.85
N PRO B 147 10.59 -22.91 18.94
CA PRO B 147 10.99 -24.13 18.23
C PRO B 147 12.30 -24.04 17.42
N ASP B 148 12.69 -22.84 16.99
CA ASP B 148 13.96 -22.61 16.28
C ASP B 148 15.01 -21.93 17.17
N LEU B 149 15.13 -22.38 18.42
CA LEU B 149 16.17 -21.89 19.34
C LEU B 149 17.59 -22.37 19.00
N PRO B 150 17.80 -23.70 18.78
CA PRO B 150 19.15 -24.24 18.60
C PRO B 150 20.02 -23.55 17.53
N LEU B 151 19.44 -23.26 16.37
CA LEU B 151 20.16 -22.62 15.27
C LEU B 151 20.56 -21.17 15.59
N LEU B 152 19.74 -20.48 16.40
CA LEU B 152 20.06 -19.13 16.88
C LEU B 152 21.27 -19.12 17.83
N VAL B 153 21.44 -20.21 18.59
CA VAL B 153 22.61 -20.36 19.48
C VAL B 153 23.87 -20.62 18.64
N ALA B 154 23.74 -21.40 17.57
CA ALA B 154 24.83 -21.60 16.60
C ALA B 154 25.19 -20.29 15.90
N ALA B 155 24.17 -19.56 15.45
CA ALA B 155 24.35 -18.22 14.87
C ALA B 155 25.01 -17.24 15.84
N PHE B 156 24.60 -17.32 17.11
CA PHE B 156 25.26 -16.57 18.20
C PHE B 156 26.74 -16.95 18.34
N PHE B 157 27.03 -18.25 18.31
CA PHE B 157 28.41 -18.75 18.42
C PHE B 157 29.29 -18.32 17.24
N PHE B 158 28.75 -18.44 16.02
CA PHE B 158 29.45 -18.00 14.81
C PHE B 158 29.58 -16.47 14.73
N LEU B 159 28.58 -15.74 15.24
CA LEU B 159 28.65 -14.28 15.34
C LEU B 159 29.71 -13.83 16.34
N VAL B 160 29.71 -14.43 17.52
CA VAL B 160 30.72 -14.18 18.55
C VAL B 160 32.13 -14.52 18.04
N LEU B 161 32.25 -15.65 17.32
CA LEU B 161 33.52 -16.05 16.68
C LEU B 161 33.95 -15.05 15.60
N ALA B 162 33.00 -14.61 14.78
CA ALA B 162 33.26 -13.65 13.69
C ALA B 162 33.67 -12.27 14.22
N VAL B 163 33.01 -11.83 15.29
CA VAL B 163 33.37 -10.56 15.96
C VAL B 163 34.74 -10.68 16.62
N LEU B 164 34.88 -11.64 17.54
CA LEU B 164 36.14 -11.86 18.26
C LEU B 164 37.34 -12.13 17.33
N GLY B 165 37.07 -12.70 16.16
CA GLY B 165 38.06 -12.78 15.09
C GLY B 165 38.42 -11.42 14.52
N GLU B 166 37.40 -10.65 14.13
CA GLU B 166 37.58 -9.31 13.56
C GLU B 166 38.29 -8.33 14.50
N THR B 167 38.04 -8.46 15.81
CA THR B 167 38.72 -7.63 16.82
C THR B 167 40.20 -7.99 16.99
N LEU B 168 40.58 -9.21 16.60
CA LEU B 168 41.98 -9.68 16.70
C LEU B 168 42.88 -9.22 15.53
N ILE B 169 42.27 -8.72 14.45
CA ILE B 169 43.03 -8.35 13.24
C ILE B 169 43.89 -7.09 13.43
N PRO B 170 43.36 -6.05 14.11
CA PRO B 170 44.23 -4.90 14.48
C PRO B 170 45.39 -5.24 15.43
N HIS B 171 45.13 -6.12 16.41
CA HIS B 171 46.11 -6.44 17.46
C HIS B 171 47.43 -6.98 16.91
N TYR B 172 47.33 -7.96 16.00
CA TYR B 172 48.51 -8.52 15.33
C TYR B 172 49.14 -7.52 14.35
N SER B 173 48.30 -6.84 13.56
CA SER B 173 48.77 -5.84 12.58
C SER B 173 49.61 -4.73 13.23
N GLY B 174 49.24 -4.36 14.45
CA GLY B 174 50.07 -3.47 15.27
C GLY B 174 51.41 -4.09 15.61
N ARG B 175 51.39 -5.34 16.09
CA ARG B 175 52.60 -6.08 16.45
C ARG B 175 53.54 -6.33 15.27
N VAL B 176 53.00 -6.45 14.06
CA VAL B 176 53.82 -6.53 12.84
C VAL B 176 54.60 -5.23 12.65
N ILE B 177 53.92 -4.10 12.82
CA ILE B 177 54.55 -2.77 12.69
C ILE B 177 55.53 -2.52 13.85
N ASP B 178 55.20 -3.01 15.04
CA ASP B 178 56.07 -2.93 16.22
C ASP B 178 57.36 -3.75 16.04
N ILE B 179 57.21 -4.99 15.58
CA ILE B 179 58.35 -5.89 15.33
C ILE B 179 59.18 -5.41 14.14
N LEU B 180 58.51 -5.06 13.04
CA LEU B 180 59.19 -4.68 11.81
C LEU B 180 60.13 -3.47 11.90
N GLY B 181 59.72 -2.43 12.61
CA GLY B 181 60.58 -1.27 12.72
C GLY B 181 61.91 -1.59 13.37
N GLY B 182 61.87 -2.33 14.47
CA GLY B 182 63.09 -2.70 15.17
C GLY B 182 64.04 -3.63 14.42
N ASP B 183 63.49 -4.67 13.81
CA ASP B 183 64.27 -5.66 13.06
C ASP B 183 63.40 -6.44 12.07
N PHE B 184 64.04 -7.09 11.11
CA PHE B 184 63.33 -7.91 10.13
C PHE B 184 62.62 -9.05 10.85
N ASP B 185 63.33 -9.64 11.81
CA ASP B 185 62.80 -10.75 12.63
C ASP B 185 61.90 -11.70 11.82
N PRO B 186 62.51 -12.50 10.92
CA PRO B 186 61.77 -13.22 9.86
C PRO B 186 60.69 -14.18 10.37
N HIS B 187 60.98 -14.89 11.47
CA HIS B 187 60.03 -15.84 12.06
C HIS B 187 58.84 -15.14 12.69
N ALA B 188 59.11 -14.07 13.45
CA ALA B 188 58.06 -13.25 14.07
C ALA B 188 57.22 -12.54 13.00
N PHE B 189 57.90 -11.93 12.02
CA PHE B 189 57.25 -11.24 10.90
C PHE B 189 56.38 -12.19 10.07
N ALA B 190 56.92 -13.37 9.75
CA ALA B 190 56.18 -14.39 8.99
C ALA B 190 54.99 -14.94 9.77
N SER B 191 55.22 -15.29 11.04
CA SER B 191 54.17 -15.85 11.89
C SER B 191 53.03 -14.86 12.16
N ALA B 192 53.40 -13.63 12.52
CA ALA B 192 52.42 -12.56 12.79
C ALA B 192 51.50 -12.31 11.59
N ILE B 193 52.09 -12.22 10.40
CA ILE B 193 51.33 -12.08 9.15
C ILE B 193 50.50 -13.34 8.86
N PHE B 194 51.09 -14.51 9.05
CA PHE B 194 50.42 -15.79 8.77
C PHE B 194 49.17 -16.00 9.63
N PHE B 195 49.30 -15.76 10.94
CA PHE B 195 48.17 -15.86 11.86
C PHE B 195 47.12 -14.77 11.60
N MET B 196 47.57 -13.53 11.38
CA MET B 196 46.67 -12.42 11.04
C MET B 196 45.86 -12.70 9.78
N CYS B 197 46.56 -13.14 8.73
CA CYS B 197 45.91 -13.50 7.46
C CYS B 197 44.98 -14.72 7.60
N LEU B 198 45.33 -15.66 8.49
CA LEU B 198 44.46 -16.80 8.79
C LEU B 198 43.19 -16.35 9.53
N PHE B 199 43.36 -15.59 10.60
CA PHE B 199 42.24 -15.07 11.40
C PHE B 199 41.26 -14.22 10.55
N SER B 200 41.80 -13.46 9.60
CA SER B 200 40.96 -12.72 8.65
C SER B 200 40.14 -13.65 7.75
N PHE B 201 40.76 -14.74 7.30
CA PHE B 201 40.09 -15.76 6.48
C PHE B 201 39.00 -16.48 7.28
N GLY B 202 39.33 -16.83 8.52
CA GLY B 202 38.37 -17.44 9.45
C GLY B 202 37.22 -16.52 9.87
N SER B 203 37.53 -15.24 10.04
CA SER B 203 36.50 -14.21 10.34
C SER B 203 35.54 -14.04 9.16
N SER B 204 36.11 -13.97 7.96
CA SER B 204 35.32 -13.90 6.72
C SER B 204 34.45 -15.14 6.51
N LEU B 205 34.98 -16.32 6.86
CA LEU B 205 34.21 -17.56 6.80
C LEU B 205 33.10 -17.56 7.85
N SER B 206 33.46 -17.25 9.09
CA SER B 206 32.51 -17.19 10.21
C SER B 206 31.40 -16.15 10.01
N ALA B 207 31.74 -15.04 9.35
CA ALA B 207 30.75 -14.01 8.99
C ALA B 207 29.75 -14.47 7.93
N GLY B 208 30.16 -15.43 7.09
CA GLY B 208 29.27 -16.01 6.08
C GLY B 208 28.24 -16.96 6.66
N CYS B 209 28.71 -17.96 7.40
CA CYS B 209 27.86 -19.02 7.93
C CYS B 209 26.78 -18.53 8.89
N ARG B 210 27.09 -17.51 9.69
CA ARG B 210 26.08 -16.82 10.51
C ARG B 210 25.00 -16.17 9.62
N GLY B 211 25.40 -15.59 8.50
CA GLY B 211 24.48 -15.06 7.51
C GLY B 211 23.61 -16.13 6.89
N GLY B 212 24.23 -17.28 6.60
CA GLY B 212 23.51 -18.48 6.15
C GLY B 212 22.52 -19.03 7.16
N CYS B 213 22.84 -18.90 8.45
CA CYS B 213 21.91 -19.27 9.53
C CYS B 213 20.76 -18.27 9.65
N PHE B 214 21.10 -16.98 9.75
CA PHE B 214 20.09 -15.92 9.92
C PHE B 214 19.10 -15.84 8.76
N THR B 215 19.58 -15.99 7.53
CA THR B 215 18.69 -16.03 6.35
C THR B 215 17.80 -17.28 6.32
N TYR B 216 18.32 -18.40 6.85
CA TYR B 216 17.54 -19.64 6.99
C TYR B 216 16.47 -19.51 8.09
N THR B 217 16.82 -18.83 9.18
CA THR B 217 15.86 -18.52 10.26
C THR B 217 14.64 -17.74 9.73
N MET B 218 14.88 -16.83 8.79
CA MET B 218 13.80 -16.07 8.14
C MET B 218 12.82 -16.99 7.39
N SER B 219 13.32 -18.09 6.81
CA SER B 219 12.46 -19.08 6.16
C SER B 219 11.54 -19.80 7.16
N ARG B 220 12.06 -20.07 8.36
CA ARG B 220 11.29 -20.79 9.39
C ARG B 220 10.01 -20.04 9.78
N ILE B 221 10.18 -18.82 10.29
CA ILE B 221 9.05 -18.02 10.78
C ILE B 221 8.08 -17.64 9.64
N ASN B 222 8.63 -17.34 8.45
CA ASN B 222 7.82 -16.96 7.29
C ASN B 222 6.94 -18.12 6.80
N LEU B 223 7.52 -19.31 6.71
CA LEU B 223 6.75 -20.50 6.31
C LEU B 223 5.82 -21.00 7.42
N ARG B 224 6.19 -20.75 8.68
CA ARG B 224 5.37 -21.14 9.84
C ARG B 224 4.12 -20.25 9.97
N ILE B 225 4.32 -18.93 9.93
CA ILE B 225 3.20 -17.99 10.07
C ILE B 225 2.14 -18.09 8.96
N ARG B 226 2.57 -18.40 7.74
CA ARG B 226 1.64 -18.65 6.63
C ARG B 226 0.71 -19.83 6.91
N GLU B 227 1.27 -20.89 7.49
CA GLU B 227 0.51 -22.10 7.83
C GLU B 227 -0.50 -21.84 8.94
N GLN B 228 -0.08 -21.12 9.98
CA GLN B 228 -0.96 -20.72 11.08
C GLN B 228 -2.06 -19.75 10.62
N LEU B 229 -1.68 -18.77 9.80
CA LEU B 229 -2.62 -17.78 9.25
C LEU B 229 -3.67 -18.44 8.36
N PHE B 230 -3.21 -19.31 7.45
CA PHE B 230 -4.11 -19.99 6.50
C PHE B 230 -5.07 -20.95 7.22
N SER B 231 -4.56 -21.69 8.20
CA SER B 231 -5.40 -22.60 9.01
C SER B 231 -6.39 -21.86 9.90
N SER B 232 -5.99 -20.71 10.44
CA SER B 232 -6.88 -19.88 11.27
C SER B 232 -8.00 -19.22 10.47
N LEU B 233 -7.69 -18.76 9.25
CA LEU B 233 -8.68 -18.14 8.37
C LEU B 233 -9.81 -19.11 7.96
N LEU B 234 -9.45 -20.35 7.63
CA LEU B 234 -10.44 -21.38 7.26
C LEU B 234 -11.47 -21.68 8.35
N ARG B 235 -11.05 -21.57 9.62
CA ARG B 235 -11.97 -21.75 10.76
C ARG B 235 -12.95 -20.58 10.95
N GLN B 236 -12.64 -19.41 10.38
CA GLN B 236 -13.47 -18.21 10.52
C GLN B 236 -14.77 -18.31 9.71
N ASP B 237 -15.78 -17.58 10.16
CA ASP B 237 -17.11 -17.56 9.54
C ASP B 237 -17.11 -16.82 8.19
N LEU B 238 -18.07 -17.19 7.34
CA LEU B 238 -18.19 -16.64 5.99
C LEU B 238 -18.61 -15.16 5.96
N GLY B 239 -19.25 -14.67 7.02
CA GLY B 239 -19.64 -13.26 7.15
C GLY B 239 -18.48 -12.28 7.05
N PHE B 240 -17.33 -12.67 7.59
CA PHE B 240 -16.11 -11.86 7.52
C PHE B 240 -15.56 -11.74 6.11
N PHE B 241 -15.65 -12.82 5.33
CA PHE B 241 -15.11 -12.86 3.96
C PHE B 241 -15.72 -11.77 3.06
N GLN B 242 -17.00 -11.47 3.28
CA GLN B 242 -17.68 -10.37 2.60
C GLN B 242 -17.07 -9.01 2.95
N GLU B 243 -16.72 -8.82 4.23
CA GLU B 243 -16.08 -7.58 4.69
C GLU B 243 -14.63 -7.46 4.20
N THR B 244 -13.89 -8.56 4.22
CA THR B 244 -12.46 -8.56 3.88
C THR B 244 -12.23 -8.38 2.37
N LYS B 245 -11.16 -7.66 2.03
CA LYS B 245 -10.78 -7.42 0.63
C LYS B 245 -9.74 -8.45 0.16
N THR B 246 -9.86 -8.88 -1.09
CA THR B 246 -8.97 -9.88 -1.69
C THR B 246 -7.54 -9.35 -1.83
N GLY B 247 -7.40 -8.07 -2.18
CA GLY B 247 -6.09 -7.42 -2.29
C GLY B 247 -5.36 -7.27 -0.97
N GLU B 248 -6.10 -6.95 0.10
CA GLU B 248 -5.51 -6.79 1.44
C GLU B 248 -5.06 -8.14 2.00
N LEU B 249 -5.96 -9.13 1.96
CA LEU B 249 -5.66 -10.49 2.46
C LEU B 249 -4.40 -11.09 1.84
N ASN B 250 -4.17 -10.81 0.56
CA ASN B 250 -2.93 -11.18 -0.11
C ASN B 250 -1.76 -10.36 0.44
N SER B 251 -1.93 -9.04 0.48
CA SER B 251 -0.86 -8.11 0.91
C SER B 251 -0.29 -8.45 2.28
N ARG B 252 -1.18 -8.77 3.23
CA ARG B 252 -0.76 -9.19 4.57
C ARG B 252 -0.09 -10.57 4.55
N LEU B 253 -0.61 -11.49 3.74
CA LEU B 253 -0.05 -12.84 3.60
C LEU B 253 1.31 -12.86 2.92
N SER B 254 1.54 -11.92 1.99
CA SER B 254 2.79 -11.86 1.22
C SER B 254 3.85 -10.99 1.90
N SER B 255 3.53 -9.72 2.13
CA SER B 255 4.50 -8.75 2.63
C SER B 255 4.57 -8.70 4.16
N ASP B 256 3.42 -8.48 4.78
CA ASP B 256 3.35 -8.21 6.23
C ASP B 256 3.83 -9.40 7.08
N THR B 257 3.70 -10.62 6.56
CA THR B 257 4.33 -11.79 7.17
C THR B 257 5.86 -11.73 7.04
N THR B 258 6.36 -11.47 5.82
CA THR B 258 7.80 -11.44 5.57
C THR B 258 8.53 -10.33 6.34
N LEU B 259 7.84 -9.22 6.62
CA LEU B 259 8.35 -8.18 7.51
C LEU B 259 8.48 -8.71 8.95
N MET B 260 7.46 -9.41 9.42
CA MET B 260 7.46 -10.01 10.76
C MET B 260 8.52 -11.12 10.90
N SER B 261 8.72 -11.87 9.82
CA SER B 261 9.78 -12.89 9.78
C SER B 261 11.17 -12.27 9.68
N ASN B 262 11.28 -11.16 8.96
CA ASN B 262 12.53 -10.38 8.87
C ASN B 262 12.90 -9.70 10.20
N TRP B 263 11.87 -9.33 10.98
CA TRP B 263 12.05 -8.58 12.24
C TRP B 263 13.07 -9.15 13.23
N LEU B 264 12.82 -10.37 13.71
CA LEU B 264 13.63 -10.96 14.80
C LEU B 264 15.10 -11.23 14.42
N PRO B 265 15.36 -11.82 13.23
CA PRO B 265 16.75 -11.98 12.79
C PRO B 265 17.49 -10.65 12.55
N LEU B 266 16.82 -9.69 11.91
CA LEU B 266 17.41 -8.37 11.65
C LEU B 266 17.71 -7.61 12.95
N ASN B 267 16.75 -7.63 13.88
CA ASN B 267 16.93 -7.01 15.20
C ASN B 267 18.01 -7.72 16.03
N ALA B 268 17.95 -9.05 16.06
CA ALA B 268 18.93 -9.86 16.82
C ALA B 268 20.35 -9.73 16.27
N ASN B 269 20.50 -9.77 14.95
CA ASN B 269 21.82 -9.67 14.30
C ASN B 269 22.51 -8.34 14.62
N VAL B 270 21.81 -7.24 14.38
CA VAL B 270 22.36 -5.89 14.59
C VAL B 270 22.64 -5.62 16.08
N LEU B 271 21.73 -6.05 16.96
CA LEU B 271 21.90 -5.89 18.40
C LEU B 271 23.07 -6.74 18.93
N LEU B 272 23.05 -8.03 18.60
CA LEU B 272 24.06 -8.97 19.09
C LEU B 272 25.46 -8.72 18.51
N ARG B 273 25.52 -8.32 17.24
CA ARG B 273 26.80 -7.96 16.61
C ARG B 273 27.41 -6.71 17.24
N SER B 274 26.57 -5.74 17.62
CA SER B 274 27.03 -4.54 18.32
C SER B 274 27.47 -4.85 19.75
N LEU B 275 26.54 -5.42 20.54
CA LEU B 275 26.79 -5.75 21.96
C LEU B 275 28.11 -6.47 22.20
N VAL B 276 28.39 -7.51 21.41
CA VAL B 276 29.62 -8.30 21.53
C VAL B 276 30.84 -7.50 21.07
N LYS B 277 30.68 -6.70 20.01
CA LYS B 277 31.79 -5.91 19.46
C LYS B 277 32.18 -4.72 20.35
N VAL B 278 31.19 -4.09 20.99
CA VAL B 278 31.45 -2.96 21.89
C VAL B 278 32.24 -3.44 23.12
N VAL B 279 31.69 -4.44 23.81
CA VAL B 279 32.37 -5.03 24.98
C VAL B 279 33.67 -5.75 24.60
N GLY B 280 33.76 -6.21 23.35
CA GLY B 280 35.01 -6.73 22.79
C GLY B 280 36.06 -5.64 22.66
N LEU B 281 35.74 -4.62 21.86
CA LEU B 281 36.63 -3.45 21.66
C LEU B 281 37.08 -2.82 22.99
N TYR B 282 36.12 -2.58 23.89
CA TYR B 282 36.45 -2.07 25.23
C TYR B 282 37.36 -3.01 26.04
N GLY B 283 37.21 -4.32 25.82
CA GLY B 283 38.12 -5.31 26.39
C GLY B 283 39.52 -5.23 25.82
N PHE B 284 39.61 -5.28 24.48
CA PHE B 284 40.89 -5.16 23.76
C PHE B 284 41.59 -3.81 24.00
N MET B 285 40.82 -2.78 24.32
CA MET B 285 41.37 -1.52 24.83
C MET B 285 41.97 -1.72 26.22
N LEU B 286 41.18 -2.30 27.12
CA LEU B 286 41.61 -2.56 28.52
C LEU B 286 42.83 -3.47 28.63
N SER B 287 43.01 -4.38 27.67
CA SER B 287 44.22 -5.19 27.58
C SER B 287 45.46 -4.35 27.24
N ILE B 288 45.29 -3.36 26.37
CA ILE B 288 46.38 -2.45 25.99
C ILE B 288 46.70 -1.49 27.13
N SER B 289 45.69 -0.73 27.58
CA SER B 289 45.88 0.25 28.66
C SER B 289 44.56 0.67 29.32
N PRO B 290 44.61 1.10 30.60
CA PRO B 290 43.45 1.69 31.28
C PRO B 290 43.42 3.23 31.27
N ARG B 291 44.55 3.88 30.96
CA ARG B 291 44.69 5.34 31.13
C ARG B 291 43.90 6.13 30.10
N LEU B 292 43.92 5.68 28.85
CA LEU B 292 43.24 6.37 27.75
C LEU B 292 41.78 5.93 27.53
N THR B 293 41.34 4.92 28.29
CA THR B 293 40.02 4.32 28.09
C THR B 293 38.89 5.07 28.81
N LEU B 294 39.13 5.46 30.06
CA LEU B 294 38.11 6.13 30.89
C LEU B 294 37.65 7.47 30.31
N LEU B 295 38.59 8.26 29.79
CA LEU B 295 38.25 9.53 29.14
C LEU B 295 37.43 9.33 27.86
N SER B 296 37.77 8.29 27.07
CA SER B 296 37.02 7.95 25.87
C SER B 296 35.63 7.37 26.20
N LEU B 297 35.56 6.62 27.29
CA LEU B 297 34.28 6.07 27.78
C LEU B 297 33.37 7.18 28.31
N LEU B 298 33.93 8.08 29.14
CA LEU B 298 33.18 9.20 29.74
C LEU B 298 32.50 10.14 28.72
N HIS B 299 33.05 10.21 27.50
CA HIS B 299 32.41 10.96 26.41
C HIS B 299 31.11 10.35 25.88
N MET B 300 30.92 9.04 26.05
CA MET B 300 29.76 8.33 25.50
C MET B 300 28.40 8.83 26.03
N PRO B 301 28.28 9.09 27.35
CA PRO B 301 27.10 9.81 27.87
C PRO B 301 26.75 11.10 27.12
N PHE B 302 27.76 11.85 26.66
CA PHE B 302 27.56 13.07 25.88
C PHE B 302 26.88 12.78 24.53
N THR B 303 27.26 11.66 23.89
CA THR B 303 26.65 11.23 22.62
C THR B 303 25.28 10.59 22.85
N ILE B 304 25.20 9.68 23.83
CA ILE B 304 23.97 8.96 24.18
C ILE B 304 22.85 9.93 24.56
N ALA B 305 23.20 10.99 25.30
CA ALA B 305 22.24 12.04 25.67
C ALA B 305 21.66 12.80 24.46
N ALA B 306 22.47 12.97 23.41
CA ALA B 306 22.02 13.66 22.19
C ALA B 306 21.01 12.82 21.42
N GLU B 307 21.36 11.57 21.15
CA GLU B 307 20.49 10.63 20.41
C GLU B 307 19.09 10.47 21.02
N LYS B 308 19.01 10.48 22.34
CA LYS B 308 17.73 10.41 23.05
C LYS B 308 16.85 11.63 22.75
N VAL B 309 17.46 12.81 22.63
CA VAL B 309 16.74 14.03 22.24
C VAL B 309 16.42 14.01 20.74
N TYR B 310 17.41 13.62 19.93
CA TYR B 310 17.28 13.58 18.47
C TYR B 310 16.18 12.63 17.99
N ASN B 311 16.12 11.43 18.58
CA ASN B 311 15.11 10.43 18.21
C ASN B 311 13.69 10.84 18.64
N THR B 312 13.56 11.36 19.86
CA THR B 312 12.28 11.89 20.35
C THR B 312 11.80 13.11 19.56
N ARG B 313 12.75 13.93 19.10
CA ARG B 313 12.45 15.03 18.17
C ARG B 313 12.02 14.48 16.81
N HIS B 314 12.76 13.50 16.30
CA HIS B 314 12.53 12.92 14.96
C HIS B 314 11.16 12.24 14.86
N GLN B 315 10.90 11.28 15.75
CA GLN B 315 9.65 10.51 15.75
C GLN B 315 8.39 11.37 15.87
N GLU B 316 8.48 12.47 16.63
CA GLU B 316 7.38 13.44 16.72
C GLU B 316 7.16 14.16 15.39
N VAL B 317 8.26 14.54 14.72
CA VAL B 317 8.20 15.23 13.42
C VAL B 317 7.63 14.32 12.32
N LEU B 318 8.05 13.05 12.31
CA LEU B 318 7.49 12.06 11.36
C LEU B 318 5.99 11.84 11.56
N ARG B 319 5.56 11.71 12.81
CA ARG B 319 4.13 11.59 13.14
C ARG B 319 3.35 12.87 12.80
N GLU B 320 3.99 14.02 12.96
CA GLU B 320 3.42 15.31 12.53
C GLU B 320 3.32 15.39 11.00
N ILE B 321 4.33 14.89 10.29
CA ILE B 321 4.32 14.82 8.83
C ILE B 321 3.21 13.88 8.32
N GLN B 322 3.03 12.73 8.99
CA GLN B 322 1.92 11.81 8.68
C GLN B 322 0.57 12.50 8.78
N ASP B 323 0.37 13.25 9.87
CA ASP B 323 -0.86 14.01 10.09
C ASP B 323 -1.01 15.17 9.09
N ALA B 324 0.09 15.82 8.76
CA ALA B 324 0.11 16.92 7.77
C ALA B 324 -0.23 16.42 6.35
N VAL B 325 0.39 15.31 5.96
CA VAL B 325 0.11 14.66 4.67
C VAL B 325 -1.32 14.07 4.65
N ALA B 326 -1.81 13.61 5.79
CA ALA B 326 -3.19 13.11 5.90
C ALA B 326 -4.24 14.19 5.64
N ARG B 327 -4.05 15.37 6.24
CA ARG B 327 -4.94 16.52 5.99
C ARG B 327 -4.84 17.02 4.55
N ALA B 328 -3.62 17.13 4.03
CA ALA B 328 -3.39 17.50 2.64
C ALA B 328 -4.01 16.49 1.66
N GLY B 329 -3.93 15.21 2.00
CA GLY B 329 -4.58 14.15 1.22
C GLY B 329 -6.10 14.17 1.30
N GLN B 330 -6.63 14.44 2.50
CA GLN B 330 -8.08 14.52 2.72
C GLN B 330 -8.77 15.58 1.86
N VAL B 331 -8.06 16.69 1.59
CA VAL B 331 -8.53 17.71 0.65
C VAL B 331 -8.65 17.14 -0.77
N VAL B 332 -7.69 16.30 -1.17
CA VAL B 332 -7.73 15.63 -2.48
C VAL B 332 -8.84 14.58 -2.51
N ARG B 333 -9.02 13.85 -1.39
CA ARG B 333 -10.12 12.88 -1.27
C ARG B 333 -11.50 13.53 -1.37
N GLU B 334 -11.68 14.65 -0.67
CA GLU B 334 -12.93 15.43 -0.75
C GLU B 334 -13.14 16.11 -2.11
N ALA B 335 -12.04 16.53 -2.74
CA ALA B 335 -12.09 17.10 -4.10
C ALA B 335 -12.47 16.05 -5.14
N VAL B 336 -11.80 14.89 -5.07
CA VAL B 336 -12.13 13.73 -5.91
C VAL B 336 -13.56 13.24 -5.63
N GLY B 337 -13.98 13.29 -4.36
CA GLY B 337 -15.36 12.96 -3.98
C GLY B 337 -16.40 13.93 -4.52
N GLY B 338 -16.08 15.22 -4.50
CA GLY B 338 -16.98 16.28 -4.97
C GLY B 338 -16.50 17.00 -6.24
N LEU B 339 -15.93 16.25 -7.19
CA LEU B 339 -15.51 16.81 -8.48
C LEU B 339 -16.61 17.61 -9.16
N GLN B 340 -17.80 17.02 -9.24
CA GLN B 340 -18.98 17.67 -9.83
C GLN B 340 -19.38 18.93 -9.04
N THR B 341 -19.26 18.87 -7.71
CA THR B 341 -19.55 20.02 -6.84
C THR B 341 -18.58 21.17 -7.10
N VAL B 342 -17.29 20.86 -7.17
CA VAL B 342 -16.25 21.86 -7.43
C VAL B 342 -16.38 22.43 -8.85
N ARG B 343 -16.67 21.58 -9.82
CA ARG B 343 -16.86 22.00 -11.22
C ARG B 343 -18.15 22.79 -11.45
N SER B 344 -19.23 22.43 -10.75
CA SER B 344 -20.52 23.11 -10.89
C SER B 344 -20.47 24.55 -10.38
N PHE B 345 -19.95 24.73 -9.17
CA PHE B 345 -19.79 26.06 -8.58
C PHE B 345 -18.63 26.81 -9.22
N GLY B 346 -17.50 26.12 -9.40
CA GLY B 346 -16.35 26.68 -10.12
C GLY B 346 -15.56 27.68 -9.31
N ALA B 347 -14.78 27.17 -8.36
CA ALA B 347 -13.82 27.97 -7.59
C ALA B 347 -12.55 27.16 -7.33
N GLU B 348 -12.05 26.52 -8.38
CA GLU B 348 -10.88 25.62 -8.32
C GLU B 348 -9.63 26.28 -7.74
N GLU B 349 -9.41 27.56 -8.09
CA GLU B 349 -8.31 28.36 -7.55
C GLU B 349 -8.27 28.35 -6.02
N HIS B 350 -9.44 28.40 -5.39
CA HIS B 350 -9.54 28.33 -3.92
C HIS B 350 -9.18 26.94 -3.39
N GLU B 351 -9.55 25.90 -4.12
CA GLU B 351 -9.20 24.51 -3.77
C GLU B 351 -7.69 24.27 -3.89
N VAL B 352 -7.10 24.78 -4.98
CA VAL B 352 -5.65 24.70 -5.20
C VAL B 352 -4.89 25.53 -4.16
N CYS B 353 -5.42 26.72 -3.84
CA CYS B 353 -4.83 27.60 -2.82
C CYS B 353 -4.91 26.99 -1.42
N ARG B 354 -6.04 26.35 -1.10
CA ARG B 354 -6.21 25.66 0.19
C ARG B 354 -5.33 24.41 0.30
N TYR B 355 -5.14 23.71 -0.82
CA TYR B 355 -4.18 22.60 -0.90
C TYR B 355 -2.74 23.10 -0.73
N LYS B 356 -2.41 24.20 -1.42
CA LYS B 356 -1.09 24.83 -1.32
C LYS B 356 -0.81 25.38 0.09
N GLU B 357 -1.86 25.87 0.75
CA GLU B 357 -1.76 26.35 2.14
C GLU B 357 -1.41 25.21 3.10
N ALA B 358 -2.06 24.06 2.94
CA ALA B 358 -1.74 22.86 3.73
C ALA B 358 -0.36 22.29 3.38
N LEU B 359 0.03 22.40 2.10
CA LEU B 359 1.36 21.96 1.64
C LEU B 359 2.50 22.82 2.19
N GLU B 360 2.24 24.10 2.42
CA GLU B 360 3.25 25.04 2.95
C GLU B 360 3.64 24.72 4.40
N GLN B 361 2.63 24.55 5.25
CA GLN B 361 2.86 24.16 6.65
C GLN B 361 3.44 22.74 6.78
N CYS B 362 3.09 21.85 5.85
CA CYS B 362 3.68 20.52 5.77
C CYS B 362 5.16 20.58 5.35
N ARG B 363 5.47 21.43 4.37
CA ARG B 363 6.85 21.65 3.90
C ARG B 363 7.81 22.10 5.02
N GLN B 364 7.30 22.90 5.96
CA GLN B 364 8.09 23.35 7.11
C GLN B 364 8.57 22.21 8.02
N LEU B 365 7.77 21.14 8.12
CA LEU B 365 8.11 19.98 8.94
C LEU B 365 9.29 19.19 8.35
N TYR B 366 9.31 19.04 7.03
CA TYR B 366 10.44 18.43 6.33
C TYR B 366 11.72 19.25 6.51
N TRP B 367 11.59 20.57 6.43
CA TRP B 367 12.70 21.50 6.64
C TRP B 367 13.28 21.41 8.06
N ARG B 368 12.41 21.30 9.06
CA ARG B 368 12.84 21.17 10.46
C ARG B 368 13.60 19.85 10.68
N ARG B 369 13.11 18.77 10.09
CA ARG B 369 13.77 17.45 10.17
C ARG B 369 15.16 17.47 9.54
N ASP B 370 15.25 18.02 8.33
CA ASP B 370 16.52 18.10 7.60
C ASP B 370 17.52 19.04 8.27
N LEU B 371 17.03 20.18 8.77
CA LEU B 371 17.86 21.14 9.51
C LEU B 371 18.39 20.53 10.82
N GLU B 372 17.51 19.85 11.56
CA GLU B 372 17.89 19.16 12.79
C GLU B 372 18.86 18.00 12.54
N ARG B 373 18.68 17.28 11.43
CA ARG B 373 19.55 16.16 11.07
C ARG B 373 20.95 16.64 10.66
N ALA B 374 20.99 17.60 9.74
CA ALA B 374 22.25 18.22 9.29
C ALA B 374 23.06 18.79 10.45
N LEU B 375 22.36 19.46 11.37
CA LEU B 375 22.97 19.97 12.61
C LEU B 375 23.59 18.83 13.45
N TYR B 376 22.87 17.71 13.54
CA TYR B 376 23.38 16.54 14.27
C TYR B 376 24.57 15.90 13.56
N LEU B 377 24.59 15.94 12.23
CA LEU B 377 25.75 15.52 11.43
C LEU B 377 26.97 16.40 11.75
N LEU B 378 26.75 17.71 11.79
CA LEU B 378 27.81 18.68 12.17
C LEU B 378 28.32 18.43 13.59
N VAL B 379 27.39 18.34 14.55
CA VAL B 379 27.72 18.10 15.96
C VAL B 379 28.49 16.80 16.15
N ARG B 380 28.02 15.74 15.49
CA ARG B 380 28.70 14.43 15.53
C ARG B 380 30.07 14.45 14.87
N ARG B 381 30.18 15.12 13.72
CA ARG B 381 31.46 15.25 13.01
C ARG B 381 32.50 16.04 13.81
N VAL B 382 32.05 17.10 14.49
CA VAL B 382 32.91 17.89 15.38
C VAL B 382 33.27 17.08 16.63
N LEU B 383 32.27 16.46 17.26
CA LEU B 383 32.47 15.68 18.50
C LEU B 383 33.33 14.43 18.29
N HIS B 384 33.23 13.80 17.12
CA HIS B 384 34.06 12.65 16.77
C HIS B 384 35.54 13.01 16.78
N LEU B 385 35.88 14.09 16.08
CA LEU B 385 37.25 14.61 16.04
C LEU B 385 37.68 15.23 17.37
N GLY B 386 36.72 15.80 18.11
CA GLY B 386 36.97 16.35 19.44
C GLY B 386 37.51 15.33 20.42
N VAL B 387 36.91 14.14 20.42
CA VAL B 387 37.39 13.01 21.23
C VAL B 387 38.69 12.43 20.64
N GLN B 388 38.75 12.33 19.32
CA GLN B 388 39.92 11.78 18.61
C GLN B 388 41.20 12.58 18.84
N MET B 389 41.10 13.91 18.72
CA MET B 389 42.23 14.82 18.95
C MET B 389 42.65 14.85 20.43
N LEU B 390 41.67 14.96 21.32
CA LEU B 390 41.92 14.96 22.77
C LEU B 390 42.52 13.64 23.25
N MET B 391 42.12 12.53 22.62
CA MET B 391 42.73 11.22 22.88
C MET B 391 44.15 11.16 22.32
N LEU B 392 44.28 11.35 21.01
CA LEU B 392 45.55 11.20 20.28
C LEU B 392 46.69 12.05 20.87
N SER B 393 46.35 13.25 21.31
CA SER B 393 47.31 14.14 21.99
C SER B 393 47.89 13.49 23.26
N CYS B 394 47.04 12.82 24.04
CA CYS B 394 47.49 12.04 25.20
C CYS B 394 48.20 10.77 24.75
N GLY B 395 47.71 10.16 23.66
CA GLY B 395 48.38 9.02 23.02
C GLY B 395 49.84 9.27 22.65
N LEU B 396 50.14 10.50 22.23
CA LEU B 396 51.53 10.92 22.02
C LEU B 396 52.32 10.99 23.34
N GLN B 397 51.69 11.49 24.40
CA GLN B 397 52.30 11.53 25.73
C GLN B 397 52.55 10.12 26.30
N GLN B 398 51.67 9.17 25.96
CA GLN B 398 51.80 7.77 26.39
C GLN B 398 53.08 7.08 25.90
N MET B 399 53.62 7.53 24.77
CA MET B 399 54.93 7.06 24.28
C MET B 399 56.08 7.71 25.05
N GLN B 400 56.00 9.03 25.24
CA GLN B 400 57.08 9.80 25.86
C GLN B 400 57.21 9.55 27.36
N ASP B 401 56.15 9.85 28.10
CA ASP B 401 56.16 9.79 29.57
C ASP B 401 55.92 8.37 30.08
N GLY B 402 54.76 7.82 29.74
CA GLY B 402 54.33 6.51 30.25
C GLY B 402 55.07 5.32 29.67
N GLU B 403 55.43 5.40 28.40
CA GLU B 403 56.08 4.30 27.66
C GLU B 403 55.16 3.10 27.52
N LEU B 404 53.98 3.34 26.92
CA LEU B 404 52.98 2.30 26.71
C LEU B 404 53.39 1.35 25.58
N THR B 405 53.33 1.84 24.33
CA THR B 405 53.72 1.05 23.16
C THR B 405 53.59 1.87 21.86
N GLN B 406 54.41 1.52 20.87
CA GLN B 406 54.43 2.21 19.58
C GLN B 406 53.24 1.81 18.72
N GLY B 407 53.14 0.50 18.44
CA GLY B 407 52.05 -0.06 17.64
C GLY B 407 50.69 0.00 18.33
N SER B 408 50.69 -0.16 19.65
CA SER B 408 49.47 -0.09 20.46
C SER B 408 48.70 1.23 20.30
N LEU B 409 49.43 2.32 20.04
CA LEU B 409 48.81 3.62 19.70
C LEU B 409 48.00 3.51 18.40
N LEU B 410 48.61 2.89 17.38
CA LEU B 410 47.94 2.69 16.09
C LEU B 410 46.78 1.70 16.20
N SER B 411 46.93 0.68 17.06
CA SER B 411 45.85 -0.28 17.34
C SER B 411 44.68 0.40 18.06
N PHE B 412 45.00 1.06 19.17
CA PHE B 412 44.02 1.78 20.01
C PHE B 412 43.23 2.85 19.22
N MET B 413 43.89 3.49 18.26
CA MET B 413 43.23 4.42 17.34
C MET B 413 42.22 3.69 16.43
N ILE B 414 42.66 2.58 15.85
CA ILE B 414 41.83 1.75 14.96
C ILE B 414 40.64 1.14 15.71
N TYR B 415 40.87 0.75 16.97
CA TYR B 415 39.78 0.32 17.85
C TYR B 415 38.81 1.47 18.12
N GLN B 416 39.34 2.59 18.62
CA GLN B 416 38.53 3.78 18.96
C GLN B 416 37.61 4.22 17.82
N GLU B 417 38.17 4.30 16.60
CA GLU B 417 37.44 4.75 15.40
C GLU B 417 36.02 4.19 15.28
N SER B 418 35.86 2.90 15.61
CA SER B 418 34.55 2.23 15.55
C SER B 418 33.72 2.36 16.83
N VAL B 419 34.38 2.37 18.00
CA VAL B 419 33.70 2.28 19.32
C VAL B 419 32.49 3.21 19.43
N GLY B 420 32.68 4.48 19.09
CA GLY B 420 31.59 5.47 19.10
C GLY B 420 30.51 5.15 18.08
N SER B 421 30.94 4.83 16.85
CA SER B 421 30.03 4.52 15.75
C SER B 421 29.12 3.31 16.03
N TYR B 422 29.63 2.33 16.78
CA TYR B 422 28.81 1.18 17.18
C TYR B 422 27.80 1.50 18.29
N VAL B 423 28.12 2.46 19.15
CA VAL B 423 27.16 2.94 20.18
C VAL B 423 25.95 3.62 19.52
N GLN B 424 26.18 4.31 18.41
CA GLN B 424 25.09 4.97 17.66
C GLN B 424 23.97 3.99 17.27
N THR B 425 24.38 2.80 16.83
CA THR B 425 23.44 1.71 16.53
C THR B 425 22.78 1.17 17.81
N LEU B 426 23.57 1.00 18.86
CA LEU B 426 23.11 0.46 20.15
C LEU B 426 22.04 1.34 20.82
N VAL B 427 22.21 2.66 20.75
CA VAL B 427 21.23 3.60 21.30
C VAL B 427 19.96 3.64 20.46
N TYR B 428 20.11 3.61 19.13
CA TYR B 428 18.98 3.70 18.21
C TYR B 428 18.09 2.45 18.24
N ILE B 429 18.71 1.27 18.15
CA ILE B 429 17.97 -0.01 18.04
C ILE B 429 17.00 -0.26 19.22
N TYR B 430 17.39 0.13 20.43
CA TYR B 430 16.55 -0.02 21.63
C TYR B 430 15.22 0.73 21.50
N GLY B 431 15.31 2.01 21.12
CA GLY B 431 14.12 2.84 20.90
C GLY B 431 13.35 2.48 19.64
N ASP B 432 14.08 2.12 18.58
CA ASP B 432 13.49 1.79 17.28
C ASP B 432 12.71 0.46 17.26
N MET B 433 13.03 -0.45 18.18
CA MET B 433 12.40 -1.79 18.25
C MET B 433 10.86 -1.79 18.24
N LEU B 434 10.24 -0.79 18.88
CA LEU B 434 8.78 -0.71 18.98
C LEU B 434 8.06 -0.29 17.69
N SER B 435 8.77 0.29 16.73
CA SER B 435 8.16 0.81 15.50
C SER B 435 7.61 -0.28 14.56
N ASN B 436 8.38 -1.34 14.37
CA ASN B 436 7.99 -2.45 13.49
C ASN B 436 6.96 -3.43 14.07
N VAL B 437 6.66 -3.30 15.37
CA VAL B 437 5.68 -4.16 16.05
C VAL B 437 4.26 -3.89 15.51
N GLY B 438 3.94 -2.62 15.29
CA GLY B 438 2.66 -2.21 14.72
C GLY B 438 2.26 -2.86 13.40
N ALA B 439 3.27 -3.25 12.60
CA ALA B 439 3.04 -4.04 11.39
C ALA B 439 2.48 -5.43 11.71
N ALA B 440 3.06 -6.09 12.71
CA ALA B 440 2.62 -7.43 13.13
C ALA B 440 1.18 -7.45 13.67
N GLU B 441 0.80 -6.40 14.40
CA GLU B 441 -0.56 -6.25 14.95
C GLU B 441 -1.67 -6.45 13.89
N LYS B 442 -1.44 -5.94 12.68
CA LYS B 442 -2.40 -6.07 11.58
C LYS B 442 -2.51 -7.50 11.03
N VAL B 443 -1.47 -8.32 11.22
CA VAL B 443 -1.53 -9.75 10.91
C VAL B 443 -2.22 -10.48 12.07
N PHE B 444 -1.72 -10.25 13.29
CA PHE B 444 -2.29 -10.84 14.51
C PHE B 444 -3.77 -10.53 14.74
N SER B 445 -4.27 -9.43 14.19
CA SER B 445 -5.71 -9.12 14.19
C SER B 445 -6.59 -10.25 13.62
N TYR B 446 -6.08 -10.99 12.63
CA TYR B 446 -6.76 -12.20 12.15
C TYR B 446 -6.71 -13.31 13.20
N MET B 447 -5.54 -13.52 13.79
CA MET B 447 -5.34 -14.58 14.81
C MET B 447 -6.05 -14.33 16.15
N ASP B 448 -6.38 -13.07 16.44
CA ASP B 448 -6.94 -12.68 17.75
C ASP B 448 -8.29 -13.33 18.10
N ARG B 449 -9.23 -13.27 17.16
CA ARG B 449 -10.64 -13.57 17.43
C ARG B 449 -11.13 -14.88 16.78
N GLN B 450 -11.99 -15.61 17.50
CA GLN B 450 -12.58 -16.87 17.01
C GLN B 450 -14.04 -17.03 17.50
N PRO B 451 -14.87 -15.98 17.38
CA PRO B 451 -16.16 -15.95 18.09
C PRO B 451 -17.31 -16.75 17.47
N ASN B 452 -17.26 -16.99 16.15
CA ASN B 452 -18.44 -17.39 15.39
C ASN B 452 -18.72 -18.89 15.42
N LEU B 453 -19.92 -19.25 14.95
CA LEU B 453 -20.43 -20.63 14.89
C LEU B 453 -20.75 -21.20 16.27
N PRO B 454 -21.46 -22.34 16.29
CA PRO B 454 -21.84 -23.05 17.51
C PRO B 454 -20.69 -23.91 18.07
N SER B 455 -20.97 -24.60 19.18
CA SER B 455 -19.98 -25.49 19.79
C SER B 455 -19.79 -26.73 18.93
N PRO B 456 -18.52 -27.10 18.67
CA PRO B 456 -18.16 -28.22 17.80
C PRO B 456 -18.44 -29.59 18.45
N GLY B 457 -19.73 -29.92 18.58
CA GLY B 457 -20.18 -31.23 19.06
C GLY B 457 -20.71 -32.00 17.86
N THR B 458 -20.40 -33.29 17.81
CA THR B 458 -20.64 -34.11 16.62
C THR B 458 -21.67 -35.22 16.85
N LEU B 459 -22.90 -35.00 16.35
CA LEU B 459 -23.93 -36.03 16.30
C LEU B 459 -23.73 -36.90 15.05
N ALA B 460 -23.51 -38.19 15.27
CA ALA B 460 -23.25 -39.15 14.19
C ALA B 460 -24.54 -39.84 13.75
N PRO B 461 -24.84 -39.78 12.44
CA PRO B 461 -25.97 -40.49 11.86
C PRO B 461 -25.71 -41.99 11.77
N THR B 462 -26.27 -42.76 12.72
CA THR B 462 -26.15 -44.21 12.72
C THR B 462 -26.88 -44.82 11.52
N THR B 463 -28.09 -44.34 11.28
CA THR B 463 -28.86 -44.65 10.07
C THR B 463 -29.31 -43.35 9.41
N LEU B 464 -29.50 -43.40 8.09
CA LEU B 464 -29.93 -42.23 7.33
C LEU B 464 -31.40 -41.89 7.62
N GLN B 465 -31.62 -40.84 8.41
CA GLN B 465 -32.97 -40.40 8.77
C GLN B 465 -33.70 -39.82 7.55
N GLY B 466 -33.03 -38.90 6.85
CA GLY B 466 -33.58 -38.28 5.66
C GLY B 466 -34.75 -37.36 5.95
N VAL B 467 -34.57 -36.51 6.97
CA VAL B 467 -35.62 -35.61 7.45
C VAL B 467 -35.07 -34.19 7.61
N VAL B 468 -35.48 -33.30 6.72
CA VAL B 468 -35.14 -31.87 6.79
C VAL B 468 -36.29 -31.12 7.45
N LYS B 469 -35.95 -30.10 8.25
CA LYS B 469 -36.96 -29.30 8.95
C LYS B 469 -36.50 -27.86 9.23
N PHE B 470 -37.48 -26.96 9.37
CA PHE B 470 -37.23 -25.56 9.70
C PHE B 470 -38.38 -25.03 10.57
N GLN B 471 -38.15 -24.99 11.88
CA GLN B 471 -39.17 -24.61 12.86
C GLN B 471 -39.16 -23.10 13.13
N ASP B 472 -40.12 -22.39 12.55
CA ASP B 472 -40.32 -20.94 12.74
C ASP B 472 -39.06 -20.11 12.42
N VAL B 473 -38.36 -20.47 11.35
CA VAL B 473 -37.06 -19.88 11.02
C VAL B 473 -37.11 -18.39 10.72
N SER B 474 -36.00 -17.71 11.02
CA SER B 474 -35.83 -16.29 10.74
C SER B 474 -34.42 -16.06 10.19
N PHE B 475 -34.33 -15.90 8.86
CA PHE B 475 -33.06 -15.71 8.17
C PHE B 475 -32.74 -14.23 8.00
N ALA B 476 -31.64 -13.79 8.63
CA ALA B 476 -31.10 -12.44 8.47
C ALA B 476 -29.59 -12.53 8.26
N TYR B 477 -29.04 -11.59 7.49
CA TYR B 477 -27.61 -11.59 7.17
C TYR B 477 -26.76 -11.14 8.37
N PRO B 478 -25.63 -11.84 8.63
CA PRO B 478 -24.67 -11.38 9.65
C PRO B 478 -24.00 -10.03 9.37
N ASN B 479 -23.88 -9.67 8.08
CA ASN B 479 -23.24 -8.41 7.68
C ASN B 479 -24.00 -7.16 8.15
N ARG B 480 -25.33 -7.23 8.10
CA ARG B 480 -26.19 -6.11 8.52
C ARG B 480 -27.45 -6.64 9.22
N PRO B 481 -27.67 -6.27 10.50
CA PRO B 481 -28.75 -6.86 11.29
C PRO B 481 -30.16 -6.33 10.99
N ASP B 482 -30.27 -5.09 10.53
CA ASP B 482 -31.58 -4.42 10.33
C ASP B 482 -32.30 -4.72 9.00
N ARG B 483 -31.83 -5.73 8.25
CA ARG B 483 -32.39 -6.06 6.94
C ARG B 483 -33.24 -7.32 7.07
N PRO B 484 -34.48 -7.27 6.58
CA PRO B 484 -35.43 -8.38 6.55
C PRO B 484 -35.27 -9.25 5.29
N VAL B 485 -34.68 -10.44 5.47
CA VAL B 485 -34.43 -11.37 4.38
C VAL B 485 -35.49 -12.46 4.33
N LEU B 486 -35.64 -13.19 5.45
CA LEU B 486 -36.65 -14.24 5.58
C LEU B 486 -37.17 -14.27 7.02
N LYS B 487 -38.50 -14.33 7.16
CA LYS B 487 -39.14 -14.26 8.48
C LYS B 487 -40.32 -15.22 8.58
N GLY B 488 -40.28 -16.10 9.59
CA GLY B 488 -41.35 -17.05 9.84
C GLY B 488 -41.39 -18.22 8.86
N LEU B 489 -40.21 -18.75 8.55
CA LEU B 489 -40.10 -19.94 7.68
C LEU B 489 -40.42 -21.18 8.50
N THR B 490 -41.72 -21.49 8.59
CA THR B 490 -42.23 -22.62 9.37
C THR B 490 -42.97 -23.59 8.46
N PHE B 491 -42.43 -24.80 8.31
CA PHE B 491 -43.06 -25.85 7.51
C PHE B 491 -42.55 -27.23 7.88
N THR B 492 -41.31 -27.55 7.48
CA THR B 492 -40.70 -28.86 7.70
C THR B 492 -41.51 -29.98 7.01
N LEU B 493 -41.46 -31.20 7.55
CA LEU B 493 -42.30 -32.32 7.08
C LEU B 493 -42.00 -32.74 5.64
N ARG B 494 -40.71 -32.76 5.29
CA ARG B 494 -40.24 -33.12 3.95
C ARG B 494 -39.35 -34.35 4.02
N PRO B 495 -39.81 -35.46 3.42
CA PRO B 495 -39.10 -36.74 3.35
C PRO B 495 -39.44 -37.53 2.08
N GLY B 496 -40.73 -37.78 1.85
CA GLY B 496 -41.19 -38.57 0.70
C GLY B 496 -41.42 -37.71 -0.54
N GLU B 497 -41.38 -38.36 -1.70
CA GLU B 497 -41.62 -37.71 -3.00
C GLU B 497 -40.56 -36.64 -3.30
N VAL B 498 -40.97 -35.52 -3.93
CA VAL B 498 -40.04 -34.44 -4.30
C VAL B 498 -40.53 -33.09 -3.75
N THR B 499 -39.58 -32.30 -3.25
CA THR B 499 -39.86 -30.97 -2.70
C THR B 499 -39.43 -29.88 -3.68
N ALA B 500 -40.21 -28.81 -3.75
CA ALA B 500 -39.93 -27.69 -4.65
C ALA B 500 -39.95 -26.36 -3.89
N LEU B 501 -39.09 -25.43 -4.31
CA LEU B 501 -38.95 -24.12 -3.68
C LEU B 501 -39.20 -23.00 -4.69
N VAL B 502 -40.46 -22.60 -4.81
CA VAL B 502 -40.87 -21.55 -5.74
C VAL B 502 -40.55 -20.16 -5.18
N GLY B 503 -40.16 -19.24 -6.05
CA GLY B 503 -39.81 -17.88 -5.65
C GLY B 503 -39.24 -17.03 -6.77
N PRO B 504 -39.39 -15.70 -6.65
CA PRO B 504 -38.91 -14.71 -7.62
C PRO B 504 -37.44 -14.35 -7.45
N ASN B 505 -36.96 -13.41 -8.27
CA ASN B 505 -35.56 -12.98 -8.23
C ASN B 505 -35.25 -12.20 -6.96
N GLY B 506 -34.24 -12.64 -6.22
CA GLY B 506 -33.90 -12.06 -4.93
C GLY B 506 -34.89 -12.39 -3.82
N SER B 507 -35.53 -13.56 -3.90
CA SER B 507 -36.47 -14.03 -2.88
C SER B 507 -35.75 -14.65 -1.67
N GLY B 508 -34.55 -15.19 -1.90
CA GLY B 508 -33.75 -15.83 -0.85
C GLY B 508 -33.82 -17.35 -0.85
N LYS B 509 -33.86 -17.96 -2.04
CA LYS B 509 -33.89 -19.42 -2.18
C LYS B 509 -32.54 -20.04 -1.84
N SER B 510 -31.47 -19.41 -2.30
CA SER B 510 -30.10 -19.80 -1.94
C SER B 510 -29.79 -19.63 -0.45
N THR B 511 -30.41 -18.61 0.16
CA THR B 511 -30.32 -18.40 1.62
C THR B 511 -30.96 -19.53 2.41
N VAL B 512 -32.10 -20.03 1.93
CA VAL B 512 -32.77 -21.21 2.51
C VAL B 512 -31.95 -22.48 2.33
N ALA B 513 -31.30 -22.63 1.17
CA ALA B 513 -30.40 -23.76 0.90
C ALA B 513 -29.16 -23.72 1.78
N ALA B 514 -28.57 -22.53 1.94
CA ALA B 514 -27.44 -22.31 2.86
C ALA B 514 -27.84 -22.51 4.33
N LEU B 515 -29.08 -22.12 4.66
CA LEU B 515 -29.65 -22.36 5.99
C LEU B 515 -29.89 -23.85 6.25
N LEU B 516 -30.33 -24.58 5.22
CA LEU B 516 -30.49 -26.03 5.30
C LEU B 516 -29.14 -26.76 5.38
N GLN B 517 -28.20 -26.34 4.54
CA GLN B 517 -26.83 -26.90 4.54
C GLN B 517 -25.98 -26.46 5.75
N ASN B 518 -26.41 -25.41 6.44
CA ASN B 518 -25.77 -24.91 7.67
C ASN B 518 -24.46 -24.16 7.37
N LEU B 519 -24.54 -23.23 6.41
CA LEU B 519 -23.43 -22.33 6.10
C LEU B 519 -23.47 -21.14 7.06
N TYR B 520 -24.62 -20.47 7.13
CA TYR B 520 -24.86 -19.38 8.07
C TYR B 520 -25.85 -19.82 9.14
N GLN B 521 -25.64 -19.33 10.37
CA GLN B 521 -26.55 -19.60 11.48
C GLN B 521 -27.82 -18.76 11.36
N PRO B 522 -28.97 -19.36 11.69
CA PRO B 522 -30.28 -18.72 11.65
C PRO B 522 -30.45 -17.65 12.72
N THR B 523 -31.02 -16.50 12.34
CA THR B 523 -31.24 -15.40 13.28
C THR B 523 -32.35 -15.71 14.29
N GLY B 524 -33.40 -16.40 13.85
CA GLY B 524 -34.49 -16.85 14.71
C GLY B 524 -34.99 -18.23 14.35
N GLY B 525 -35.77 -18.82 15.26
CA GLY B 525 -36.34 -20.16 15.07
C GLY B 525 -35.33 -21.26 15.35
N GLN B 526 -35.47 -22.39 14.63
CA GLN B 526 -34.56 -23.52 14.79
C GLN B 526 -34.58 -24.44 13.56
N VAL B 527 -33.40 -24.76 13.03
CA VAL B 527 -33.25 -25.65 11.88
C VAL B 527 -33.05 -27.08 12.36
N LEU B 528 -34.15 -27.78 12.61
CA LEU B 528 -34.11 -29.16 13.11
C LEU B 528 -33.83 -30.16 11.99
N LEU B 529 -33.13 -31.23 12.33
CA LEU B 529 -32.84 -32.35 11.44
C LEU B 529 -33.03 -33.67 12.18
N ASP B 530 -34.17 -34.34 11.91
CA ASP B 530 -34.54 -35.60 12.57
C ASP B 530 -34.65 -35.44 14.10
N GLU B 531 -35.30 -34.36 14.53
CA GLU B 531 -35.43 -34.00 15.95
C GLU B 531 -34.06 -33.78 16.62
N LYS B 532 -33.23 -32.97 15.98
CA LYS B 532 -31.88 -32.65 16.49
C LYS B 532 -31.34 -31.41 15.78
N PRO B 533 -30.61 -30.56 16.54
CA PRO B 533 -30.07 -29.29 16.05
C PRO B 533 -28.95 -29.47 15.01
N ILE B 534 -28.95 -28.63 13.98
CA ILE B 534 -27.94 -28.66 12.91
C ILE B 534 -26.53 -28.38 13.44
N SER B 535 -26.43 -27.45 14.40
CA SER B 535 -25.17 -27.18 15.10
C SER B 535 -24.63 -28.37 15.88
N GLN B 536 -25.54 -29.14 16.49
CA GLN B 536 -25.18 -30.36 17.22
C GLN B 536 -24.73 -31.53 16.32
N TYR B 537 -25.04 -31.45 15.03
CA TYR B 537 -24.53 -32.40 14.04
C TYR B 537 -23.03 -32.20 13.80
N GLU B 538 -22.36 -33.28 13.40
CA GLU B 538 -20.93 -33.23 13.07
C GLU B 538 -20.73 -32.49 11.75
N HIS B 539 -19.58 -31.83 11.60
CA HIS B 539 -19.28 -31.08 10.38
C HIS B 539 -19.00 -32.02 9.21
N CYS B 540 -18.22 -33.06 9.48
CA CYS B 540 -17.97 -34.14 8.50
C CYS B 540 -19.25 -34.93 8.20
N TYR B 541 -20.05 -35.19 9.23
CA TYR B 541 -21.34 -35.90 9.09
C TYR B 541 -22.38 -35.08 8.32
N LEU B 542 -22.42 -33.78 8.57
CA LEU B 542 -23.31 -32.86 7.84
C LEU B 542 -22.86 -32.67 6.40
N HIS B 543 -21.55 -32.53 6.20
CA HIS B 543 -20.96 -32.49 4.85
C HIS B 543 -21.19 -33.80 4.09
N SER B 544 -21.14 -34.92 4.81
CA SER B 544 -21.41 -36.24 4.22
C SER B 544 -22.89 -36.46 3.90
N GLN B 545 -23.76 -36.16 4.86
CA GLN B 545 -25.20 -36.42 4.72
C GLN B 545 -25.88 -35.40 3.82
N VAL B 546 -25.71 -34.12 4.13
CA VAL B 546 -26.34 -33.02 3.40
C VAL B 546 -25.53 -32.67 2.15
N VAL B 547 -26.24 -32.31 1.07
CA VAL B 547 -25.62 -31.88 -0.19
C VAL B 547 -26.41 -30.73 -0.82
N SER B 548 -25.73 -29.94 -1.65
CA SER B 548 -26.34 -28.79 -2.31
C SER B 548 -25.64 -28.48 -3.65
N VAL B 549 -26.26 -28.94 -4.74
CA VAL B 549 -25.73 -28.72 -6.09
C VAL B 549 -26.02 -27.28 -6.55
N GLY B 550 -24.97 -26.44 -6.56
CA GLY B 550 -25.11 -25.04 -6.95
C GLY B 550 -25.22 -24.85 -8.46
N GLN B 551 -25.63 -23.64 -8.86
CA GLN B 551 -25.74 -23.28 -10.28
C GLN B 551 -24.36 -23.14 -10.90
N GLU B 552 -23.54 -22.25 -10.35
CA GLU B 552 -22.17 -22.03 -10.82
C GLU B 552 -21.24 -23.10 -10.26
N PRO B 553 -20.51 -23.78 -11.15
CA PRO B 553 -19.57 -24.84 -10.80
C PRO B 553 -18.29 -24.31 -10.15
N VAL B 554 -17.95 -24.83 -8.98
CA VAL B 554 -16.74 -24.42 -8.26
C VAL B 554 -15.50 -25.06 -8.88
N LEU B 555 -14.61 -24.23 -9.42
CA LEU B 555 -13.39 -24.69 -10.10
C LEU B 555 -12.18 -24.71 -9.18
N PHE B 556 -11.25 -25.62 -9.46
CA PHE B 556 -9.99 -25.74 -8.71
C PHE B 556 -8.82 -26.12 -9.62
N SER B 557 -7.61 -25.88 -9.13
CA SER B 557 -6.38 -26.15 -9.88
C SER B 557 -6.03 -27.64 -9.99
N GLY B 558 -6.59 -28.47 -9.10
CA GLY B 558 -6.32 -29.91 -9.09
C GLY B 558 -6.86 -30.67 -10.29
N SER B 559 -6.42 -31.93 -10.40
CA SER B 559 -6.80 -32.78 -11.53
C SER B 559 -8.24 -33.28 -11.43
N VAL B 560 -8.71 -33.90 -12.52
CA VAL B 560 -10.09 -34.40 -12.62
C VAL B 560 -10.47 -35.38 -11.50
N ARG B 561 -9.53 -36.23 -11.11
CA ARG B 561 -9.71 -37.12 -9.96
C ARG B 561 -9.83 -36.35 -8.64
N ASN B 562 -9.02 -35.30 -8.49
CA ASN B 562 -9.07 -34.42 -7.32
C ASN B 562 -10.37 -33.63 -7.23
N ASN B 563 -10.81 -33.09 -8.37
CA ASN B 563 -12.09 -32.38 -8.48
C ASN B 563 -13.29 -33.31 -8.29
N ILE B 564 -13.20 -34.51 -8.84
CA ILE B 564 -14.24 -35.55 -8.67
C ILE B 564 -14.30 -36.07 -7.23
N ALA B 565 -13.14 -36.22 -6.61
CA ALA B 565 -13.03 -36.62 -5.20
C ALA B 565 -12.69 -35.43 -4.28
N TYR B 566 -13.24 -34.25 -4.59
CA TYR B 566 -13.00 -33.03 -3.81
C TYR B 566 -13.56 -33.17 -2.40
N GLY B 567 -12.69 -33.21 -1.41
CA GLY B 567 -13.06 -33.46 -0.02
C GLY B 567 -13.40 -34.91 0.24
N LEU B 568 -12.60 -35.82 -0.33
CA LEU B 568 -12.75 -37.26 -0.12
C LEU B 568 -11.48 -37.81 0.53
N GLN B 569 -11.65 -38.58 1.60
CA GLN B 569 -10.53 -39.15 2.35
C GLN B 569 -9.88 -40.30 1.57
N SER B 570 -10.71 -41.22 1.09
CA SER B 570 -10.25 -42.35 0.27
C SER B 570 -11.30 -42.72 -0.78
N CYS B 571 -11.31 -41.97 -1.87
CA CYS B 571 -12.28 -42.16 -2.95
C CYS B 571 -11.90 -43.36 -3.82
N GLU B 572 -12.90 -44.17 -4.16
CA GLU B 572 -12.69 -45.37 -4.99
C GLU B 572 -12.59 -44.99 -6.46
N ASP B 573 -11.65 -45.63 -7.16
CA ASP B 573 -11.42 -45.37 -8.59
C ASP B 573 -12.61 -45.78 -9.45
N ASP B 574 -13.13 -46.98 -9.18
CA ASP B 574 -14.36 -47.47 -9.82
C ASP B 574 -15.57 -46.61 -9.46
N LYS B 575 -15.61 -46.14 -8.21
CA LYS B 575 -16.68 -45.25 -7.73
C LYS B 575 -16.66 -43.88 -8.44
N VAL B 576 -15.47 -43.30 -8.60
CA VAL B 576 -15.31 -42.02 -9.29
C VAL B 576 -15.67 -42.11 -10.78
N MET B 577 -15.21 -43.17 -11.44
CA MET B 577 -15.53 -43.43 -12.84
C MET B 577 -17.02 -43.73 -13.06
N ALA B 578 -17.59 -44.56 -12.17
CA ALA B 578 -19.03 -44.87 -12.21
C ALA B 578 -19.90 -43.64 -11.90
N ALA B 579 -19.43 -42.79 -10.98
CA ALA B 579 -20.11 -41.52 -10.67
C ALA B 579 -20.11 -40.57 -11.85
N ALA B 580 -18.97 -40.48 -12.54
CA ALA B 580 -18.86 -39.69 -13.78
C ALA B 580 -19.70 -40.27 -14.92
N GLN B 581 -19.72 -41.60 -15.01
CA GLN B 581 -20.54 -42.32 -16.01
C GLN B 581 -22.04 -42.14 -15.75
N ALA B 582 -22.43 -42.13 -14.47
CA ALA B 582 -23.80 -41.84 -14.06
C ALA B 582 -24.14 -40.36 -14.28
N ALA B 583 -23.20 -39.48 -13.95
CA ALA B 583 -23.37 -38.02 -14.14
C ALA B 583 -23.32 -37.58 -15.61
N HIS B 584 -22.82 -38.44 -16.50
CA HIS B 584 -22.76 -38.16 -17.95
C HIS B 584 -21.65 -37.17 -18.29
N ALA B 585 -20.48 -37.35 -17.68
CA ALA B 585 -19.24 -36.66 -18.06
C ALA B 585 -18.14 -37.64 -18.48
N ASP B 586 -18.51 -38.91 -18.69
CA ASP B 586 -17.55 -39.98 -18.96
C ASP B 586 -16.99 -39.93 -20.38
N ASP B 587 -17.81 -39.48 -21.33
CA ASP B 587 -17.36 -39.24 -22.71
C ASP B 587 -16.32 -38.12 -22.75
N PHE B 588 -16.57 -37.06 -21.97
CA PHE B 588 -15.62 -35.95 -21.84
C PHE B 588 -14.36 -36.39 -21.11
N ILE B 589 -14.55 -37.13 -20.02
CA ILE B 589 -13.43 -37.68 -19.24
C ILE B 589 -12.61 -38.72 -20.00
N GLN B 590 -13.26 -39.46 -20.92
CA GLN B 590 -12.58 -40.48 -21.72
C GLN B 590 -11.63 -39.86 -22.75
N GLU B 591 -12.13 -38.87 -23.48
CA GLU B 591 -11.34 -38.16 -24.50
C GLU B 591 -10.25 -37.23 -23.92
N MET B 592 -10.38 -36.83 -22.66
CA MET B 592 -9.43 -35.91 -22.01
C MET B 592 -8.04 -36.53 -21.82
N GLU B 593 -7.01 -35.69 -21.93
CA GLU B 593 -5.62 -36.12 -21.84
C GLU B 593 -5.29 -36.65 -20.44
N HIS B 594 -4.73 -37.86 -20.39
CA HIS B 594 -4.50 -38.61 -19.14
C HIS B 594 -5.80 -39.01 -18.42
N GLY B 595 -6.91 -39.09 -19.16
CA GLY B 595 -8.21 -39.53 -18.64
C GLY B 595 -8.66 -38.86 -17.34
N ILE B 596 -8.74 -39.65 -16.27
CA ILE B 596 -9.14 -39.17 -14.95
C ILE B 596 -8.08 -38.28 -14.27
N TYR B 597 -6.83 -38.35 -14.75
CA TYR B 597 -5.76 -37.47 -14.26
C TYR B 597 -5.52 -36.25 -15.16
N THR B 598 -6.57 -35.75 -15.80
CA THR B 598 -6.48 -34.54 -16.62
C THR B 598 -6.47 -33.31 -15.71
N ASP B 599 -5.51 -32.42 -15.93
CA ASP B 599 -5.34 -31.22 -15.11
C ASP B 599 -6.41 -30.17 -15.42
N VAL B 600 -7.25 -29.85 -14.43
CA VAL B 600 -8.31 -28.86 -14.59
C VAL B 600 -7.72 -27.45 -14.53
N GLY B 601 -8.08 -26.61 -15.50
CA GLY B 601 -7.57 -25.24 -15.56
C GLY B 601 -8.23 -24.33 -14.53
N GLU B 602 -7.39 -23.61 -13.79
CA GLU B 602 -7.84 -22.77 -12.66
C GLU B 602 -8.94 -21.77 -13.06
N LYS B 603 -9.97 -21.69 -12.23
CA LYS B 603 -11.19 -20.91 -12.51
C LYS B 603 -11.98 -21.43 -13.73
N GLY B 604 -11.87 -22.73 -14.03
CA GLY B 604 -12.61 -23.35 -15.14
C GLY B 604 -12.12 -22.91 -16.50
N SER B 605 -10.89 -23.31 -16.83
CA SER B 605 -10.25 -22.92 -18.09
C SER B 605 -10.41 -24.00 -19.16
N GLN B 606 -9.98 -25.21 -18.84
CA GLN B 606 -10.03 -26.34 -19.77
C GLN B 606 -11.45 -26.86 -19.97
N LEU B 607 -12.18 -27.06 -18.87
CA LEU B 607 -13.55 -27.61 -18.90
C LEU B 607 -14.57 -26.57 -19.37
N ALA B 608 -15.61 -27.07 -20.04
CA ALA B 608 -16.71 -26.22 -20.53
C ALA B 608 -17.78 -26.05 -19.45
N ALA B 609 -18.82 -25.28 -19.76
CA ALA B 609 -19.94 -25.05 -18.85
C ALA B 609 -20.73 -26.33 -18.55
N GLY B 610 -20.99 -27.12 -19.59
CA GLY B 610 -21.66 -28.41 -19.46
C GLY B 610 -20.85 -29.42 -18.66
N GLN B 611 -19.55 -29.47 -18.91
CA GLN B 611 -18.62 -30.31 -18.13
C GLN B 611 -18.48 -29.82 -16.68
N LYS B 612 -18.52 -28.51 -16.49
CA LYS B 612 -18.50 -27.90 -15.16
C LYS B 612 -19.75 -28.24 -14.33
N GLN B 613 -20.91 -28.22 -14.99
CA GLN B 613 -22.17 -28.65 -14.37
C GLN B 613 -22.18 -30.16 -14.12
N ARG B 614 -21.82 -30.93 -15.16
CA ARG B 614 -21.71 -32.40 -15.06
C ARG B 614 -20.73 -32.87 -13.97
N LEU B 615 -19.68 -32.07 -13.74
CA LEU B 615 -18.75 -32.31 -12.64
C LEU B 615 -19.43 -32.25 -11.27
N ALA B 616 -20.34 -31.29 -11.08
CA ALA B 616 -21.12 -31.17 -9.85
C ALA B 616 -22.07 -32.35 -9.64
N ILE B 617 -22.64 -32.85 -10.73
CA ILE B 617 -23.43 -34.09 -10.70
C ILE B 617 -22.56 -35.30 -10.33
N ALA B 618 -21.35 -35.35 -10.89
CA ALA B 618 -20.37 -36.40 -10.55
C ALA B 618 -19.88 -36.30 -9.09
N ARG B 619 -19.78 -35.09 -8.56
CA ARG B 619 -19.49 -34.88 -7.13
C ARG B 619 -20.61 -35.43 -6.26
N ALA B 620 -21.85 -35.04 -6.56
CA ALA B 620 -23.03 -35.53 -5.85
C ALA B 620 -23.17 -37.06 -5.92
N LEU B 621 -22.91 -37.62 -7.10
CA LEU B 621 -22.89 -39.07 -7.30
C LEU B 621 -21.75 -39.75 -6.52
N VAL B 622 -20.59 -39.10 -6.49
CA VAL B 622 -19.42 -39.57 -5.72
C VAL B 622 -19.67 -39.55 -4.21
N ARG B 623 -20.39 -38.52 -3.74
CA ARG B 623 -20.81 -38.44 -2.35
C ARG B 623 -21.83 -39.54 -2.02
N ASP B 624 -22.90 -39.60 -2.81
CA ASP B 624 -24.01 -40.54 -2.60
C ASP B 624 -24.71 -40.31 -1.25
N PRO B 625 -24.76 -39.04 -0.82
CA PRO B 625 -25.27 -38.48 0.43
C PRO B 625 -26.77 -38.71 0.62
N ARG B 626 -27.24 -38.48 1.85
CA ARG B 626 -28.66 -38.59 2.17
C ARG B 626 -29.42 -37.45 1.49
N VAL B 627 -29.29 -36.24 2.05
CA VAL B 627 -29.98 -35.06 1.52
C VAL B 627 -29.18 -34.46 0.37
N LEU B 628 -29.89 -33.95 -0.64
CA LEU B 628 -29.24 -33.38 -1.83
C LEU B 628 -30.13 -32.31 -2.50
N ILE B 629 -29.90 -31.05 -2.12
CA ILE B 629 -30.59 -29.91 -2.74
C ILE B 629 -29.98 -29.56 -4.09
N LEU B 630 -30.73 -28.78 -4.88
CA LEU B 630 -30.29 -28.34 -6.22
C LEU B 630 -30.70 -26.89 -6.46
N ASP B 631 -29.73 -25.98 -6.32
CA ASP B 631 -29.95 -24.54 -6.52
C ASP B 631 -29.62 -24.12 -7.96
N GLU B 632 -30.65 -24.17 -8.81
CA GLU B 632 -30.54 -23.77 -10.23
C GLU B 632 -29.49 -24.57 -11.02
N ALA B 633 -29.37 -25.86 -10.71
CA ALA B 633 -28.38 -26.75 -11.33
C ALA B 633 -28.91 -27.45 -12.58
N THR B 634 -30.16 -27.91 -12.52
CA THR B 634 -30.79 -28.66 -13.62
C THR B 634 -31.12 -27.82 -14.87
N SER B 635 -31.18 -26.50 -14.73
CA SER B 635 -31.46 -25.60 -15.86
C SER B 635 -30.34 -25.60 -16.91
N ALA B 636 -29.10 -25.44 -16.44
CA ALA B 636 -27.92 -25.44 -17.31
C ALA B 636 -27.56 -26.85 -17.78
N LEU B 637 -27.49 -27.79 -16.84
CA LEU B 637 -27.12 -29.18 -17.13
C LEU B 637 -28.24 -29.97 -17.82
N ASP B 638 -27.94 -31.22 -18.20
CA ASP B 638 -28.89 -32.08 -18.89
C ASP B 638 -30.01 -32.55 -17.96
N VAL B 639 -31.21 -32.68 -18.53
CA VAL B 639 -32.41 -33.04 -17.77
C VAL B 639 -32.47 -34.52 -17.40
N GLN B 640 -32.06 -35.40 -18.33
CA GLN B 640 -32.11 -36.85 -18.14
C GLN B 640 -31.13 -37.40 -17.09
N CYS B 641 -30.03 -36.67 -16.83
CA CYS B 641 -28.99 -37.12 -15.91
C CYS B 641 -29.42 -37.14 -14.44
N GLU B 642 -30.18 -36.13 -14.01
CA GLU B 642 -30.60 -35.98 -12.61
C GLU B 642 -31.63 -37.02 -12.17
N GLN B 643 -32.64 -37.25 -13.01
CA GLN B 643 -33.78 -38.13 -12.70
C GLN B 643 -33.39 -39.56 -12.30
N ALA B 644 -32.45 -40.14 -13.04
CA ALA B 644 -31.92 -41.48 -12.73
C ALA B 644 -31.21 -41.53 -11.38
N LEU B 645 -30.47 -40.47 -11.06
CA LEU B 645 -29.83 -40.32 -9.75
C LEU B 645 -30.85 -40.05 -8.64
N GLN B 646 -31.92 -39.33 -8.97
CA GLN B 646 -33.00 -39.01 -8.02
C GLN B 646 -34.23 -39.93 -8.12
N ASP B 647 -34.04 -41.17 -8.60
CA ASP B 647 -35.10 -42.18 -8.62
C ASP B 647 -34.63 -43.50 -8.03
N TRP B 648 -35.59 -44.28 -7.50
CA TRP B 648 -35.34 -45.63 -6.97
C TRP B 648 -34.47 -45.59 -5.70
N ASN B 649 -33.63 -46.62 -5.50
CA ASN B 649 -32.77 -46.75 -4.31
C ASN B 649 -31.87 -45.53 -4.03
N SER B 650 -31.39 -44.88 -5.09
CA SER B 650 -30.62 -43.64 -4.96
C SER B 650 -31.47 -42.47 -4.44
N ARG B 651 -32.74 -42.43 -4.85
CA ARG B 651 -33.70 -41.44 -4.35
C ARG B 651 -34.04 -41.59 -2.86
N GLY B 652 -33.99 -42.83 -2.37
CA GLY B 652 -34.24 -43.12 -0.95
C GLY B 652 -33.22 -42.59 0.06
N ASP B 653 -32.08 -42.08 -0.42
CA ASP B 653 -31.11 -41.38 0.42
C ASP B 653 -31.79 -40.25 1.21
N ARG B 654 -32.44 -39.34 0.50
CA ARG B 654 -33.35 -38.35 1.10
C ARG B 654 -34.06 -37.51 0.03
N THR B 655 -34.95 -36.62 0.47
CA THR B 655 -35.63 -35.68 -0.41
C THR B 655 -34.69 -34.60 -0.94
N VAL B 656 -35.15 -33.87 -1.95
CA VAL B 656 -34.35 -32.84 -2.63
C VAL B 656 -35.13 -31.54 -2.70
N LEU B 657 -34.51 -30.46 -2.24
CA LEU B 657 -35.08 -29.11 -2.33
C LEU B 657 -34.85 -28.55 -3.73
N VAL B 658 -35.84 -28.74 -4.61
CA VAL B 658 -35.75 -28.28 -5.99
C VAL B 658 -36.03 -26.77 -6.09
N ILE B 659 -34.95 -25.98 -6.04
CA ILE B 659 -35.02 -24.53 -6.23
C ILE B 659 -34.50 -24.18 -7.63
N ALA B 660 -35.43 -24.04 -8.58
CA ALA B 660 -35.08 -23.76 -9.98
C ALA B 660 -36.25 -23.16 -10.76
N HIS B 661 -35.94 -22.69 -11.97
CA HIS B 661 -36.93 -22.07 -12.86
C HIS B 661 -37.77 -23.06 -13.70
N ARG B 662 -37.41 -24.35 -13.66
CA ARG B 662 -38.10 -25.38 -14.46
C ARG B 662 -39.50 -25.69 -13.92
N LEU B 663 -40.52 -25.23 -14.63
CA LEU B 663 -41.93 -25.47 -14.27
C LEU B 663 -42.34 -26.93 -14.40
N GLN B 664 -41.73 -27.66 -15.33
CA GLN B 664 -41.95 -29.09 -15.49
C GLN B 664 -41.48 -29.88 -14.27
N THR B 665 -40.33 -29.49 -13.73
CA THR B 665 -39.82 -30.05 -12.48
C THR B 665 -40.72 -29.70 -11.29
N VAL B 666 -41.19 -28.45 -11.26
CA VAL B 666 -42.14 -27.99 -10.24
C VAL B 666 -43.50 -28.70 -10.31
N GLN B 667 -43.93 -29.04 -11.52
CA GLN B 667 -45.18 -29.80 -11.72
C GLN B 667 -45.06 -31.26 -11.29
N ARG B 668 -43.92 -31.88 -11.61
CA ARG B 668 -43.67 -33.28 -11.24
C ARG B 668 -43.48 -33.52 -9.74
N ALA B 669 -42.93 -32.53 -9.04
CA ALA B 669 -42.68 -32.63 -7.58
C ALA B 669 -43.98 -32.61 -6.77
N HIS B 670 -43.95 -33.24 -5.59
CA HIS B 670 -45.12 -33.36 -4.73
C HIS B 670 -45.30 -32.12 -3.87
N GLN B 671 -44.30 -31.83 -3.04
CA GLN B 671 -44.33 -30.65 -2.17
C GLN B 671 -43.89 -29.42 -2.94
N ILE B 672 -44.56 -28.29 -2.70
CA ILE B 672 -44.30 -27.03 -3.42
C ILE B 672 -44.37 -25.84 -2.48
N LEU B 673 -43.22 -25.46 -1.92
CA LEU B 673 -43.11 -24.29 -1.05
C LEU B 673 -43.07 -23.01 -1.89
N VAL B 674 -44.22 -22.35 -2.02
CA VAL B 674 -44.32 -21.08 -2.75
C VAL B 674 -43.89 -19.92 -1.85
N LEU B 675 -42.61 -19.54 -1.96
CA LEU B 675 -42.05 -18.44 -1.19
C LEU B 675 -42.46 -17.09 -1.78
N GLN B 676 -42.59 -16.09 -0.91
CA GLN B 676 -42.98 -14.74 -1.32
C GLN B 676 -42.65 -13.71 -0.25
N GLU B 677 -41.80 -12.75 -0.59
CA GLU B 677 -41.40 -11.64 0.30
C GLU B 677 -40.83 -12.12 1.65
N GLY B 678 -40.08 -13.22 1.62
CA GLY B 678 -39.58 -13.85 2.84
C GLY B 678 -40.66 -14.47 3.71
N LYS B 679 -41.64 -15.10 3.06
CA LYS B 679 -42.78 -15.72 3.76
C LYS B 679 -43.46 -16.78 2.89
N LEU B 680 -44.02 -17.80 3.54
CA LEU B 680 -44.68 -18.92 2.86
C LEU B 680 -46.09 -18.54 2.41
N GLN B 681 -46.34 -18.61 1.10
CA GLN B 681 -47.65 -18.29 0.54
C GLN B 681 -48.63 -19.44 0.75
N MET C 1 13.75 -13.28 -1.16
CA MET C 1 15.05 -12.62 -1.50
C MET C 1 15.90 -12.33 -0.26
N SER C 2 15.24 -11.85 0.81
CA SER C 2 15.91 -11.45 2.06
C SER C 2 16.94 -10.34 1.80
N TRP C 3 16.50 -9.30 1.10
CA TRP C 3 17.34 -8.16 0.72
C TRP C 3 17.76 -7.34 1.94
N ALA C 4 16.80 -7.09 2.83
CA ALA C 4 17.02 -6.28 4.05
C ALA C 4 18.23 -6.71 4.86
N LEU C 5 18.34 -8.02 5.11
CA LEU C 5 19.44 -8.58 5.91
C LEU C 5 20.81 -8.34 5.27
N GLU C 6 20.86 -8.31 3.94
CA GLU C 6 22.09 -7.99 3.20
C GLU C 6 22.52 -6.53 3.43
N MET C 7 21.54 -5.62 3.47
CA MET C 7 21.82 -4.19 3.65
C MET C 7 22.39 -3.88 5.04
N ALA C 8 21.85 -4.55 6.07
CA ALA C 8 22.36 -4.41 7.44
C ALA C 8 23.80 -4.88 7.56
N ASP C 9 24.09 -6.06 6.99
CA ASP C 9 25.44 -6.60 6.94
C ASP C 9 26.42 -5.66 6.22
N THR C 10 25.97 -5.07 5.10
CA THR C 10 26.76 -4.09 4.36
C THR C 10 27.09 -2.86 5.21
N PHE C 11 26.11 -2.39 5.99
CA PHE C 11 26.32 -1.25 6.89
C PHE C 11 27.22 -1.62 8.07
N LEU C 12 26.92 -2.73 8.74
CA LEU C 12 27.71 -3.20 9.89
C LEU C 12 29.15 -3.59 9.54
N ASP C 13 29.40 -4.00 8.29
CA ASP C 13 30.76 -4.28 7.83
C ASP C 13 31.57 -2.99 7.69
N ASN C 14 30.98 -1.97 7.07
CA ASN C 14 31.64 -0.68 6.83
C ASN C 14 30.89 0.44 7.55
N MET C 15 31.21 0.64 8.82
CA MET C 15 30.55 1.65 9.65
C MET C 15 31.01 3.06 9.31
N ARG C 16 32.28 3.36 9.59
CA ARG C 16 32.88 4.69 9.37
C ARG C 16 32.14 5.77 10.22
N VAL C 17 32.17 7.03 9.79
CA VAL C 17 31.39 8.10 10.45
C VAL C 17 30.70 8.93 9.35
N GLY C 18 29.88 8.24 8.56
CA GLY C 18 29.21 8.83 7.39
C GLY C 18 27.92 9.58 7.68
N PRO C 19 27.24 10.05 6.62
CA PRO C 19 25.99 10.81 6.74
C PRO C 19 24.71 9.98 6.91
N ARG C 20 24.68 8.77 6.35
CA ARG C 20 23.45 7.95 6.32
C ARG C 20 23.08 7.35 7.68
N THR C 21 23.99 6.55 8.23
CA THR C 21 23.80 5.83 9.52
C THR C 21 22.67 4.79 9.48
N TYR C 22 22.46 4.09 10.60
CA TYR C 22 21.43 3.04 10.69
C TYR C 22 19.99 3.57 10.60
N ALA C 23 19.77 4.83 10.98
CA ALA C 23 18.46 5.47 10.86
C ALA C 23 17.88 5.41 9.43
N ASP C 24 18.74 5.59 8.44
CA ASP C 24 18.35 5.44 7.02
C ASP C 24 18.10 3.97 6.65
N VAL C 25 18.95 3.07 7.16
CA VAL C 25 18.86 1.63 6.83
C VAL C 25 17.47 1.06 7.12
N ARG C 26 16.88 1.44 8.24
CA ARG C 26 15.50 1.05 8.58
C ARG C 26 14.49 1.66 7.59
N ASP C 27 14.67 2.94 7.25
CA ASP C 27 13.80 3.63 6.28
C ASP C 27 13.83 3.01 4.89
N GLU C 28 14.98 2.43 4.51
CA GLU C 28 15.08 1.65 3.26
C GLU C 28 14.21 0.38 3.31
N ILE C 29 14.18 -0.28 4.47
CA ILE C 29 13.34 -1.48 4.66
C ILE C 29 11.86 -1.09 4.71
N ASN C 30 11.57 0.04 5.35
CA ASN C 30 10.21 0.58 5.41
C ASN C 30 9.71 0.98 4.01
N LYS C 31 10.60 1.60 3.22
CA LYS C 31 10.29 2.01 1.85
C LYS C 31 10.10 0.80 0.93
N ARG C 32 11.06 -0.12 0.95
CA ARG C 32 11.01 -1.33 0.11
C ARG C 32 9.89 -2.28 0.52
N GLY C 33 9.59 -2.35 1.82
CA GLY C 33 8.47 -3.13 2.34
C GLY C 33 7.12 -2.61 1.89
N ARG C 34 6.96 -1.29 1.90
CA ARG C 34 5.74 -0.63 1.41
C ARG C 34 5.58 -0.77 -0.11
N GLU C 35 6.70 -0.86 -0.84
CA GLU C 35 6.67 -1.17 -2.27
C GLU C 35 6.15 -2.59 -2.53
N ASP C 36 6.59 -3.54 -1.70
CA ASP C 36 6.09 -4.93 -1.76
C ASP C 36 4.61 -5.01 -1.37
N ARG C 37 4.21 -4.21 -0.37
CA ARG C 37 2.80 -4.06 0.01
C ARG C 37 1.93 -3.58 -1.16
N GLU C 38 2.45 -2.61 -1.92
CA GLU C 38 1.77 -2.11 -3.12
C GLU C 38 1.76 -3.15 -4.26
N ALA C 39 2.91 -3.80 -4.47
CA ALA C 39 3.07 -4.78 -5.55
C ALA C 39 2.24 -6.06 -5.36
N ALA C 40 2.12 -6.52 -4.11
CA ALA C 40 1.41 -7.77 -3.80
C ALA C 40 -0.08 -7.70 -4.09
N ARG C 41 -0.74 -6.68 -3.54
CA ARG C 41 -2.18 -6.46 -3.76
C ARG C 41 -2.57 -6.20 -5.22
N THR C 42 -1.73 -5.44 -5.93
CA THR C 42 -1.98 -5.10 -7.33
C THR C 42 -1.74 -6.24 -8.33
N ALA C 43 -1.04 -7.30 -7.90
CA ALA C 43 -0.70 -8.44 -8.77
C ALA C 43 -1.90 -9.26 -9.24
N VAL C 44 -2.84 -9.54 -8.32
CA VAL C 44 -3.95 -10.47 -8.58
C VAL C 44 -5.33 -9.80 -8.52
N HIS C 45 -6.09 -9.93 -9.62
CA HIS C 45 -7.47 -9.44 -9.74
C HIS C 45 -7.65 -7.93 -9.41
N ASP C 46 -8.38 -7.59 -8.34
CA ASP C 46 -8.68 -6.20 -8.00
C ASP C 46 -8.99 -6.08 -6.50
N PRO C 47 -8.47 -5.02 -5.85
CA PRO C 47 -8.65 -4.86 -4.40
C PRO C 47 -10.07 -4.48 -3.96
N GLU C 48 -10.83 -3.83 -4.84
CA GLU C 48 -12.21 -3.40 -4.54
C GLU C 48 -13.15 -4.58 -4.33
N ARG C 49 -12.99 -5.64 -5.13
CA ARG C 49 -13.82 -6.84 -5.05
C ARG C 49 -13.47 -7.65 -3.78
N PRO C 50 -14.45 -7.88 -2.89
CA PRO C 50 -14.19 -8.73 -1.71
C PRO C 50 -14.02 -10.23 -2.04
N LEU C 51 -13.88 -11.05 -1.01
CA LEU C 51 -13.70 -12.49 -1.18
C LEU C 51 -15.01 -13.15 -1.58
N LEU C 52 -16.06 -12.90 -0.80
CA LEU C 52 -17.42 -13.33 -1.14
C LEU C 52 -18.06 -12.28 -2.04
N ARG C 53 -18.59 -12.72 -3.19
CA ARG C 53 -19.10 -11.82 -4.23
C ARG C 53 -20.57 -11.44 -4.03
N SER C 54 -21.42 -12.45 -3.83
CA SER C 54 -22.87 -12.24 -3.75
C SER C 54 -23.29 -11.53 -2.45
N PRO C 55 -24.36 -10.71 -2.50
CA PRO C 55 -24.78 -9.96 -1.32
C PRO C 55 -25.51 -10.82 -0.30
#